data_1GM5
#
_entry.id   1GM5
#
_cell.length_a   133.704
_cell.length_b   144.602
_cell.length_c   84.023
_cell.angle_alpha   90.00
_cell.angle_beta   113.82
_cell.angle_gamma   90.00
#
_symmetry.space_group_name_H-M   'C 1 2 1'
#
loop_
_entity.id
_entity.type
_entity.pdbx_description
1 polymer RECG
2 polymer "DNA (5'-(*CP*AP*GP*CP*TP*CP*CP*AP*TP*GP*AP*TP* CP*AP*TP*TP*GP*GP*CP*A)-3')"
3 polymer "DNA (5'-(*GP*CP*AP*GP*TP*GP*CP*TP*CP*GP*CP*AP* TP*GP*GP*AP*GP*CP*TP*G)-3')"
4 polymer "DNA (5'-(*GP*AP*GP*CP*AP*CP*TP*GP*C)-3')"
5 non-polymer "ADENOSINE-5'-DIPHOSPHATE"
6 non-polymer 'MAGNESIUM ION'
#
loop_
_entity_poly.entity_id
_entity_poly.type
_entity_poly.pdbx_seq_one_letter_code
_entity_poly.pdbx_strand_id
1 'polypeptide(L)'
;MLCSRYFTSSLFLWGEALPTLLEEFLNEVEKMLKNQVNTRRIHQLLKELDDPLLENKDLEEKLQAFLDYVKEIPNLPEAR
KRYRIQKSLEMIEKLRSWFLIDYLECSGEEVDLSTDIQYAKGVGPNRKKKLKKLGIETLRDLLEFFPRDYEDRRKIFKLN
DLLPGEKVTTQGKIVSVETKKFQNMNILTAVLSDGLVHVPLKWFNQDYLQTYLKQLTGKEVFVTGTVKSNAYTGQYEIHN
AEVTPKEGEYVRRILPIYRLTSGISQKQMRKIFEENIPSLCCSLKETLPERILEKRKLLGVKDAYYGMHFPKTFYHLEKA
RERLAYEELFVLQLAFQKIRKEREKHGGIPKKIEGKLAEEFIKSLPFKLTNAQKRAHQEIRNDMISEKPMNRLLQGDVGS
GKTVVAQLAILDNYEAGFQTAFMVPTSILAIQHYRRTVESFSKFNIHVALLIGATTPSEKEKIKSGLRNGQIDVVIGTHA
LIQEDVHFKNLGLVIIDEQHRFGVKQREALMNKGKMVDTLVMSATPIPRSMALAFYGDLDVTVIDEMPPGRKEVQTMLVP
MDRVNEVYEFVRQEVMRGGQAFIVYPLIEESDKLNVKSAVEMYEYLSKEVFPEFKLGLMHGRLSQEEKDRVMLEFAEGRY
DILVSTTVIEVGIDVPRANVMVIENPERFGLAQLHQLRGRVGRGGQEAYCFLVVGDVGEEAMERLRFFTLNTDGFKIAEY
DLKTRGPGEFFGVKQHGLSGFKVADLYRDLKLLEWAREDVQEIDVEGIELPEEIKLIEVG
;
A
2 'polydeoxyribonucleotide' (DC)(DA)(DG)(DC)(DT)(DC)(DC)(DA)(DT)(DG)(DA)(DT)(DC)(DA)(DT)(DT)(DG)(DG)(DC)(DA) X
3 'polydeoxyribonucleotide' (DG)(DC)(DA)(DG)(DT)(DG)(DC)(DT)(DC)(DG)(DC)(DA)(DT)(DG)(DG)(DA)(DG)(DC)(DT)(DG) Y
4 'polydeoxyribonucleotide' (DG)(DA)(DG)(DC)(DA)(DC)(DT)(DG)(DC) Z
#
loop_
_chem_comp.id
_chem_comp.type
_chem_comp.name
_chem_comp.formula
ADP non-polymer ADENOSINE-5'-DIPHOSPHATE 'C10 H15 N5 O10 P2'
DA DNA linking 2'-DEOXYADENOSINE-5'-MONOPHOSPHATE 'C10 H14 N5 O6 P'
DC DNA linking 2'-DEOXYCYTIDINE-5'-MONOPHOSPHATE 'C9 H14 N3 O7 P'
DG DNA linking 2'-DEOXYGUANOSINE-5'-MONOPHOSPHATE 'C10 H14 N5 O7 P'
DT DNA linking THYMIDINE-5'-MONOPHOSPHATE 'C10 H15 N2 O8 P'
MG non-polymer 'MAGNESIUM ION' 'Mg 2'
#
# COMPACT_ATOMS: atom_id res chain seq x y z
N PHE A 7 7.48 13.87 -19.65
CA PHE A 7 6.25 13.08 -19.90
C PHE A 7 6.54 12.00 -20.94
N THR A 8 7.58 12.26 -21.71
CA THR A 8 8.03 11.43 -22.83
C THR A 8 7.63 9.95 -22.82
N SER A 9 8.41 9.14 -22.12
CA SER A 9 8.14 7.71 -22.01
C SER A 9 6.71 7.45 -21.54
N SER A 10 6.40 8.02 -20.39
CA SER A 10 5.12 7.80 -19.73
C SER A 10 3.95 8.00 -20.67
N LEU A 11 4.22 8.16 -21.97
CA LEU A 11 3.15 8.53 -22.92
C LEU A 11 3.20 7.97 -24.35
N PHE A 12 4.23 7.20 -24.72
CA PHE A 12 4.41 6.86 -26.13
C PHE A 12 4.11 5.40 -26.50
N LEU A 13 4.76 4.51 -25.81
CA LEU A 13 4.41 3.12 -25.87
C LEU A 13 2.93 3.01 -25.45
N TRP A 14 2.55 3.78 -24.45
CA TRP A 14 1.16 3.80 -24.03
C TRP A 14 0.28 3.93 -25.27
N GLY A 15 0.53 5.00 -26.02
CA GLY A 15 -0.17 5.33 -27.25
C GLY A 15 -0.28 4.17 -28.22
N GLU A 16 0.81 3.87 -28.93
CA GLU A 16 0.80 2.75 -29.90
C GLU A 16 0.72 1.40 -29.20
N ALA A 17 -0.39 1.22 -28.46
CA ALA A 17 -0.67 0.01 -27.66
C ALA A 17 -2.16 -0.41 -27.55
N LEU A 18 -2.93 -0.28 -28.62
CA LEU A 18 -4.33 -0.73 -28.60
C LEU A 18 -4.71 -1.81 -29.65
N PRO A 19 -4.59 -1.52 -30.94
CA PRO A 19 -4.89 -2.47 -32.00
C PRO A 19 -3.89 -3.60 -32.17
N THR A 20 -4.32 -4.74 -32.73
CA THR A 20 -3.39 -5.71 -33.30
C THR A 20 -2.85 -6.91 -32.52
N LEU A 21 -3.59 -7.58 -31.67
CA LEU A 21 -3.05 -8.75 -30.99
C LEU A 21 -4.30 -9.41 -30.35
N LEU A 22 -4.51 -10.71 -30.52
CA LEU A 22 -5.72 -11.33 -30.01
C LEU A 22 -6.26 -10.64 -28.80
N GLU A 23 -5.48 -10.64 -27.71
CA GLU A 23 -6.01 -10.08 -26.46
C GLU A 23 -6.56 -8.70 -26.65
N GLU A 24 -5.72 -7.81 -27.12
CA GLU A 24 -6.22 -6.50 -27.39
C GLU A 24 -7.52 -6.72 -28.10
N PHE A 25 -7.54 -7.48 -29.21
CA PHE A 25 -8.78 -7.79 -29.96
C PHE A 25 -9.90 -8.20 -29.08
N LEU A 26 -9.86 -9.47 -28.68
CA LEU A 26 -10.85 -9.88 -27.71
C LEU A 26 -11.19 -8.70 -26.81
N ASN A 27 -10.21 -8.18 -26.13
CA ASN A 27 -10.42 -7.01 -25.31
C ASN A 27 -11.54 -6.16 -25.83
N GLU A 28 -11.13 -5.25 -26.66
CA GLU A 28 -12.03 -4.35 -27.35
C GLU A 28 -13.34 -4.89 -27.66
N VAL A 29 -13.37 -6.08 -28.21
CA VAL A 29 -14.70 -6.60 -28.53
C VAL A 29 -15.57 -6.56 -27.27
N GLU A 30 -15.05 -7.00 -26.14
CA GLU A 30 -15.80 -6.97 -24.92
C GLU A 30 -16.18 -5.51 -24.74
N LYS A 31 -15.25 -4.58 -24.89
CA LYS A 31 -15.62 -3.17 -24.78
C LYS A 31 -16.68 -2.97 -25.83
N MET A 32 -16.45 -3.60 -26.97
CA MET A 32 -17.44 -3.53 -28.02
C MET A 32 -18.81 -3.63 -27.41
N LEU A 33 -19.14 -4.82 -26.92
CA LEU A 33 -20.50 -5.14 -26.51
C LEU A 33 -20.85 -4.27 -25.32
N LYS A 34 -20.10 -4.37 -24.22
CA LYS A 34 -20.43 -3.59 -23.03
C LYS A 34 -20.94 -2.22 -23.43
N ASN A 35 -20.92 -1.96 -24.72
CA ASN A 35 -21.46 -0.73 -25.28
C ASN A 35 -22.11 -1.07 -26.60
N GLN A 36 -21.48 -0.79 -27.72
CA GLN A 36 -22.18 -1.09 -28.95
C GLN A 36 -21.34 -1.47 -30.14
N VAL A 37 -21.50 -2.72 -30.55
CA VAL A 37 -20.86 -3.32 -31.73
C VAL A 37 -20.13 -2.41 -32.72
N ASN A 38 -20.69 -2.25 -33.92
CA ASN A 38 -20.09 -1.47 -35.03
C ASN A 38 -19.50 -2.36 -36.13
N THR A 39 -20.31 -3.34 -36.50
CA THR A 39 -19.99 -4.23 -37.58
C THR A 39 -18.80 -3.67 -38.30
N ARG A 40 -18.95 -2.47 -38.86
CA ARG A 40 -17.92 -1.80 -39.64
C ARG A 40 -16.56 -2.02 -39.03
N ARG A 41 -16.50 -1.61 -37.79
CA ARG A 41 -15.30 -1.71 -37.02
C ARG A 41 -14.79 -3.13 -37.05
N ILE A 42 -15.29 -3.98 -36.19
CA ILE A 42 -14.75 -5.33 -36.16
C ILE A 42 -13.92 -5.57 -37.43
N HIS A 43 -14.66 -5.61 -38.53
CA HIS A 43 -14.14 -5.87 -39.87
C HIS A 43 -12.84 -5.21 -40.14
N GLN A 44 -12.56 -4.10 -39.46
CA GLN A 44 -11.30 -3.42 -39.64
C GLN A 44 -10.37 -3.86 -38.52
N LEU A 45 -10.86 -4.31 -37.37
CA LEU A 45 -9.84 -4.81 -36.44
C LEU A 45 -9.21 -6.05 -37.01
N LEU A 46 -10.05 -6.98 -37.48
CA LEU A 46 -9.54 -8.24 -38.04
C LEU A 46 -8.47 -8.02 -39.12
N LYS A 47 -8.50 -6.89 -39.79
CA LYS A 47 -7.54 -6.64 -40.84
C LYS A 47 -6.20 -6.36 -40.27
N GLU A 48 -6.18 -5.89 -39.04
CA GLU A 48 -4.92 -5.44 -38.50
C GLU A 48 -4.26 -6.48 -37.62
N LEU A 49 -5.00 -7.55 -37.34
CA LEU A 49 -4.48 -8.65 -36.52
C LEU A 49 -3.18 -9.18 -37.04
N ASP A 50 -2.31 -9.56 -36.12
CA ASP A 50 -0.99 -10.10 -36.47
C ASP A 50 -0.46 -10.77 -35.21
N ASP A 51 0.16 -11.93 -35.32
CA ASP A 51 0.73 -12.57 -34.13
C ASP A 51 0.64 -14.10 -34.16
N PRO A 52 1.59 -14.75 -33.53
CA PRO A 52 1.60 -16.22 -33.59
C PRO A 52 0.33 -16.96 -33.02
N LEU A 53 -0.26 -16.49 -31.89
CA LEU A 53 -1.38 -17.21 -31.27
C LEU A 53 -2.36 -17.61 -32.37
N LEU A 54 -2.60 -16.67 -33.27
CA LEU A 54 -3.67 -16.88 -34.23
C LEU A 54 -3.45 -18.12 -35.03
N GLU A 55 -2.22 -18.58 -35.12
CA GLU A 55 -2.04 -19.68 -36.05
C GLU A 55 -2.67 -20.98 -35.52
N ASN A 56 -3.56 -20.96 -34.52
CA ASN A 56 -4.30 -22.18 -34.12
C ASN A 56 -5.53 -22.38 -35.01
N LYS A 57 -5.79 -23.62 -35.47
CA LYS A 57 -6.97 -23.90 -36.34
C LYS A 57 -8.24 -23.52 -35.62
N ASP A 58 -8.66 -24.29 -34.62
CA ASP A 58 -9.89 -23.86 -34.00
C ASP A 58 -9.84 -22.39 -33.66
N LEU A 59 -8.95 -22.01 -32.78
CA LEU A 59 -8.92 -20.64 -32.39
C LEU A 59 -9.46 -19.82 -33.54
N GLU A 60 -9.01 -20.15 -34.76
CA GLU A 60 -9.49 -19.46 -35.95
C GLU A 60 -10.91 -19.82 -36.27
N GLU A 61 -11.20 -21.10 -36.29
CA GLU A 61 -12.54 -21.56 -36.52
C GLU A 61 -13.40 -21.14 -35.34
N LYS A 62 -13.05 -21.59 -34.15
CA LYS A 62 -13.76 -21.19 -32.94
C LYS A 62 -14.21 -19.75 -33.02
N LEU A 63 -13.31 -18.91 -33.49
CA LEU A 63 -13.56 -17.48 -33.57
C LEU A 63 -14.68 -17.14 -34.55
N GLN A 64 -14.45 -17.31 -35.86
CA GLN A 64 -15.51 -17.02 -36.82
C GLN A 64 -16.85 -17.23 -36.20
N ALA A 65 -17.13 -18.49 -35.94
CA ALA A 65 -18.33 -18.80 -35.26
C ALA A 65 -18.67 -17.59 -34.39
N PHE A 66 -17.81 -17.30 -33.42
CA PHE A 66 -17.99 -16.16 -32.55
C PHE A 66 -18.21 -14.84 -33.32
N LEU A 67 -17.15 -14.23 -33.82
CA LEU A 67 -17.35 -12.96 -34.51
C LEU A 67 -18.58 -12.98 -35.36
N ASP A 68 -18.97 -14.17 -35.79
CA ASP A 68 -20.15 -14.30 -36.63
C ASP A 68 -21.43 -14.10 -35.84
N TYR A 69 -21.48 -14.72 -34.66
CA TYR A 69 -22.59 -14.54 -33.72
C TYR A 69 -22.75 -13.10 -33.36
N VAL A 70 -21.69 -12.48 -32.87
CA VAL A 70 -21.78 -11.06 -32.55
C VAL A 70 -22.32 -10.17 -33.67
N LYS A 71 -21.60 -10.00 -34.75
CA LYS A 71 -22.03 -9.08 -35.81
C LYS A 71 -23.53 -8.92 -35.94
N GLU A 72 -24.28 -9.91 -35.49
CA GLU A 72 -25.72 -9.81 -35.64
C GLU A 72 -26.39 -8.74 -34.73
N ILE A 73 -25.80 -8.47 -33.57
CA ILE A 73 -26.38 -7.53 -32.59
C ILE A 73 -27.36 -6.50 -33.12
N PRO A 74 -26.83 -5.55 -33.88
CA PRO A 74 -27.55 -4.34 -34.34
C PRO A 74 -28.84 -4.63 -35.09
N ASN A 75 -28.75 -5.46 -36.13
CA ASN A 75 -29.94 -5.89 -36.83
C ASN A 75 -30.72 -6.73 -35.84
N LEU A 76 -30.90 -6.14 -34.67
CA LEU A 76 -31.53 -6.83 -33.55
C LEU A 76 -32.23 -5.91 -32.47
N PRO A 77 -33.56 -5.92 -32.35
CA PRO A 77 -34.27 -5.18 -31.26
C PRO A 77 -33.99 -5.65 -29.82
N GLU A 78 -33.92 -4.69 -28.88
CA GLU A 78 -33.71 -4.92 -27.43
C GLU A 78 -33.39 -6.34 -26.91
N ALA A 79 -34.39 -7.19 -26.71
CA ALA A 79 -34.13 -8.54 -26.25
C ALA A 79 -33.21 -9.21 -27.26
N ARG A 80 -33.63 -9.15 -28.50
CA ARG A 80 -32.81 -9.66 -29.56
C ARG A 80 -31.30 -9.37 -29.31
N LYS A 81 -30.99 -8.24 -28.68
CA LYS A 81 -29.60 -7.85 -28.34
C LYS A 81 -28.99 -8.53 -27.10
N ARG A 82 -29.75 -8.66 -26.03
CA ARG A 82 -29.21 -9.21 -24.79
C ARG A 82 -28.69 -10.62 -24.81
N TYR A 83 -29.57 -11.59 -24.67
CA TYR A 83 -29.09 -12.94 -24.49
C TYR A 83 -27.94 -13.05 -25.47
N ARG A 84 -28.09 -12.32 -26.57
CA ARG A 84 -27.07 -12.28 -27.60
C ARG A 84 -25.73 -11.93 -26.96
N ILE A 85 -25.75 -10.87 -26.17
CA ILE A 85 -24.55 -10.33 -25.57
C ILE A 85 -23.99 -11.27 -24.51
N GLN A 86 -24.63 -11.34 -23.36
CA GLN A 86 -24.11 -12.19 -22.33
C GLN A 86 -23.71 -13.53 -22.94
N LYS A 87 -24.45 -14.01 -23.94
CA LYS A 87 -24.03 -15.25 -24.61
C LYS A 87 -22.55 -15.05 -25.03
N SER A 88 -22.26 -13.90 -25.62
CA SER A 88 -20.88 -13.63 -26.02
C SER A 88 -19.94 -13.63 -24.83
N LEU A 89 -19.96 -12.49 -24.14
CA LEU A 89 -19.11 -12.21 -23.01
C LEU A 89 -18.67 -13.47 -22.37
N GLU A 90 -19.61 -14.34 -22.17
CA GLU A 90 -19.27 -15.58 -21.55
C GLU A 90 -18.16 -16.29 -22.33
N MET A 91 -18.28 -16.31 -23.65
CA MET A 91 -17.33 -17.02 -24.51
C MET A 91 -15.99 -16.36 -24.57
N ILE A 92 -15.94 -15.04 -24.49
CA ILE A 92 -14.64 -14.40 -24.56
C ILE A 92 -13.83 -14.98 -23.44
N GLU A 93 -14.24 -14.64 -22.24
CA GLU A 93 -13.59 -15.19 -21.09
C GLU A 93 -13.44 -16.64 -21.37
N LYS A 94 -14.42 -17.22 -22.02
CA LYS A 94 -14.32 -18.60 -22.40
C LYS A 94 -13.08 -18.78 -23.27
N LEU A 95 -12.92 -17.86 -24.23
CA LEU A 95 -11.82 -17.88 -25.18
C LEU A 95 -10.53 -17.68 -24.43
N ARG A 96 -10.44 -16.52 -23.82
CA ARG A 96 -9.28 -16.16 -23.02
C ARG A 96 -8.72 -17.34 -22.25
N SER A 97 -9.57 -17.97 -21.47
CA SER A 97 -9.15 -19.11 -20.67
C SER A 97 -8.53 -20.25 -21.46
N TRP A 98 -9.02 -20.44 -22.68
CA TRP A 98 -8.67 -21.55 -23.58
C TRP A 98 -7.22 -21.39 -24.11
N PHE A 99 -7.05 -20.19 -24.60
CA PHE A 99 -6.03 -19.83 -25.49
C PHE A 99 -4.97 -18.98 -24.80
N LEU A 100 -5.39 -17.85 -24.30
CA LEU A 100 -4.53 -16.88 -23.69
C LEU A 100 -3.58 -17.28 -22.56
N ILE A 101 -3.64 -18.50 -22.04
CA ILE A 101 -2.81 -18.89 -20.89
C ILE A 101 -1.87 -20.08 -21.21
N ASP A 102 -0.68 -20.07 -20.64
CA ASP A 102 0.35 -21.02 -20.97
C ASP A 102 0.35 -22.11 -19.94
N TYR A 103 -0.77 -22.78 -19.84
CA TYR A 103 -0.96 -23.88 -18.93
C TYR A 103 0.26 -24.72 -18.74
N LEU A 104 0.80 -24.71 -17.53
CA LEU A 104 2.05 -25.38 -17.18
C LEU A 104 1.86 -26.88 -17.00
N GLU A 105 1.82 -27.65 -18.10
CA GLU A 105 1.65 -29.12 -17.97
C GLU A 105 2.88 -29.80 -17.41
N CYS A 106 2.74 -30.49 -16.27
CA CYS A 106 3.79 -30.74 -15.26
C CYS A 106 4.20 -32.22 -15.16
N SER A 107 5.24 -32.52 -14.38
CA SER A 107 5.63 -33.93 -14.19
C SER A 107 7.04 -34.16 -13.65
N GLY A 108 7.56 -35.37 -13.90
CA GLY A 108 8.92 -35.78 -13.54
C GLY A 108 8.81 -36.03 -12.05
N GLU A 109 8.89 -34.91 -11.35
CA GLU A 109 8.56 -34.86 -9.95
C GLU A 109 9.33 -33.87 -9.10
N GLU A 110 8.50 -33.25 -8.31
CA GLU A 110 8.81 -32.31 -7.32
C GLU A 110 9.98 -32.62 -6.45
N VAL A 111 10.84 -31.63 -6.30
CA VAL A 111 11.76 -31.62 -5.19
C VAL A 111 11.51 -30.32 -4.50
N ASP A 112 11.78 -30.25 -3.16
CA ASP A 112 11.01 -29.19 -2.54
C ASP A 112 11.52 -28.44 -1.37
N LEU A 113 12.73 -28.01 -1.39
CA LEU A 113 12.94 -27.23 -0.20
C LEU A 113 13.63 -26.00 -0.51
N SER A 114 14.15 -25.57 0.58
CA SER A 114 15.03 -24.51 0.66
C SER A 114 16.39 -25.10 0.45
N THR A 115 16.90 -25.07 -0.75
CA THR A 115 18.29 -25.44 -0.92
C THR A 115 19.04 -24.16 -0.91
N ASP A 116 20.31 -24.22 -0.62
CA ASP A 116 21.05 -23.02 -0.74
C ASP A 116 21.31 -22.94 -2.21
N ILE A 117 20.21 -22.77 -2.93
CA ILE A 117 20.19 -22.16 -4.23
C ILE A 117 21.26 -22.60 -5.24
N GLN A 118 22.14 -23.56 -4.93
CA GLN A 118 23.21 -23.89 -5.89
C GLN A 118 22.71 -25.05 -6.66
N TYR A 119 21.64 -25.62 -6.10
CA TYR A 119 20.95 -26.71 -6.68
C TYR A 119 20.35 -26.05 -7.85
N ALA A 120 20.05 -24.76 -7.63
CA ALA A 120 19.54 -23.94 -8.70
C ALA A 120 20.35 -24.43 -9.85
N LYS A 121 19.88 -24.31 -11.08
CA LYS A 121 20.74 -24.74 -12.16
C LYS A 121 21.41 -23.50 -12.67
N GLY A 122 22.48 -23.61 -13.45
CA GLY A 122 23.13 -22.40 -13.93
C GLY A 122 23.80 -21.59 -12.82
N VAL A 123 23.23 -21.58 -11.63
CA VAL A 123 23.85 -20.93 -10.52
C VAL A 123 24.94 -21.77 -9.91
N GLY A 124 25.90 -21.07 -9.33
CA GLY A 124 27.19 -21.60 -8.99
C GLY A 124 27.63 -20.73 -7.86
N PRO A 125 28.89 -20.87 -7.45
CA PRO A 125 29.44 -20.16 -6.28
C PRO A 125 29.18 -18.69 -6.38
N ASN A 126 29.89 -18.02 -7.26
CA ASN A 126 29.87 -16.58 -7.20
C ASN A 126 28.47 -16.09 -7.42
N ARG A 127 27.74 -16.76 -8.29
CA ARG A 127 26.40 -16.27 -8.55
C ARG A 127 25.65 -16.46 -7.28
N LYS A 128 26.16 -17.38 -6.46
CA LYS A 128 25.50 -17.74 -5.22
C LYS A 128 25.48 -16.45 -4.44
N LYS A 129 26.67 -15.91 -4.25
CA LYS A 129 26.81 -14.66 -3.56
C LYS A 129 26.07 -13.52 -4.30
N LYS A 130 26.18 -13.51 -5.61
CA LYS A 130 25.54 -12.44 -6.31
C LYS A 130 24.11 -12.51 -5.91
N LEU A 131 23.49 -13.65 -6.19
CA LEU A 131 22.05 -13.82 -6.00
C LEU A 131 21.54 -13.48 -4.60
N LYS A 132 22.45 -13.37 -3.63
CA LYS A 132 22.01 -13.26 -2.25
C LYS A 132 22.03 -11.82 -1.83
N LYS A 133 22.70 -11.00 -2.64
CA LYS A 133 22.51 -9.57 -2.63
C LYS A 133 21.05 -9.18 -2.97
N LEU A 134 20.24 -10.13 -3.39
CA LEU A 134 18.90 -9.77 -3.77
C LEU A 134 17.93 -10.42 -2.78
N GLY A 135 18.52 -10.92 -1.70
CA GLY A 135 17.81 -11.74 -0.73
C GLY A 135 17.34 -13.02 -1.35
N ILE A 136 18.16 -13.62 -2.20
CA ILE A 136 17.80 -14.87 -2.80
C ILE A 136 18.73 -15.96 -2.35
N GLU A 137 18.37 -16.60 -1.23
CA GLU A 137 18.89 -17.91 -0.87
C GLU A 137 17.80 -18.92 -1.21
N THR A 138 17.88 -20.16 -0.76
CA THR A 138 16.73 -21.02 -0.95
C THR A 138 16.32 -21.14 -2.43
N LEU A 139 15.05 -21.40 -2.69
CA LEU A 139 14.53 -21.25 -4.03
C LEU A 139 13.17 -20.59 -3.89
N ARG A 140 12.43 -21.02 -2.90
CA ARG A 140 11.24 -20.29 -2.59
C ARG A 140 11.75 -18.89 -2.72
N ASP A 141 12.97 -18.68 -2.30
CA ASP A 141 13.53 -17.37 -2.50
C ASP A 141 13.52 -17.00 -3.98
N LEU A 142 13.51 -18.00 -4.85
CA LEU A 142 13.59 -17.70 -6.26
C LEU A 142 12.26 -17.72 -6.95
N LEU A 143 11.17 -17.65 -6.21
CA LEU A 143 9.89 -17.44 -6.85
C LEU A 143 9.25 -16.23 -6.24
N GLU A 144 9.27 -16.17 -4.94
CA GLU A 144 8.64 -15.05 -4.30
C GLU A 144 9.36 -13.81 -4.81
N PHE A 145 10.27 -14.02 -5.74
CA PHE A 145 11.03 -12.90 -6.31
C PHE A 145 10.59 -12.59 -7.74
N PHE A 146 9.56 -11.77 -7.89
CA PHE A 146 8.94 -11.55 -9.20
C PHE A 146 9.58 -10.38 -9.82
N PRO A 147 9.40 -10.23 -11.13
CA PRO A 147 10.03 -9.18 -11.91
C PRO A 147 9.75 -7.79 -11.47
N ARG A 148 10.64 -6.90 -11.89
CA ARG A 148 10.55 -5.46 -11.73
C ARG A 148 9.38 -5.01 -12.55
N ASP A 149 9.26 -5.62 -13.71
CA ASP A 149 8.47 -5.11 -14.80
C ASP A 149 8.52 -6.08 -15.98
N TYR A 150 7.93 -5.73 -17.11
CA TYR A 150 7.94 -6.60 -18.27
C TYR A 150 8.14 -5.85 -19.54
N GLU A 151 9.00 -6.33 -20.38
CA GLU A 151 9.16 -5.73 -21.66
C GLU A 151 8.43 -6.66 -22.51
N ASP A 152 7.68 -6.14 -23.46
CA ASP A 152 6.87 -6.98 -24.30
C ASP A 152 7.38 -6.93 -25.71
N ARG A 153 6.84 -7.75 -26.57
CA ARG A 153 7.36 -7.70 -27.89
C ARG A 153 6.34 -8.19 -28.91
N ARG A 154 5.92 -9.43 -28.80
CA ARG A 154 4.83 -9.83 -29.64
C ARG A 154 4.78 -8.89 -30.85
N LYS A 155 4.58 -7.60 -30.62
CA LYS A 155 4.34 -6.62 -31.69
C LYS A 155 5.55 -6.16 -32.47
N ILE A 156 5.56 -6.39 -33.77
CA ILE A 156 6.73 -6.07 -34.57
C ILE A 156 6.57 -4.83 -35.45
N PHE A 157 7.52 -3.90 -35.42
CA PHE A 157 7.41 -2.67 -36.21
C PHE A 157 7.97 -2.85 -37.58
N LYS A 158 7.41 -2.12 -38.53
CA LYS A 158 7.88 -2.17 -39.93
C LYS A 158 9.12 -1.34 -40.06
N LEU A 159 9.84 -1.58 -41.14
CA LEU A 159 11.13 -0.94 -41.30
C LEU A 159 10.99 0.30 -42.19
N ASN A 160 11.15 1.46 -41.59
CA ASN A 160 10.61 2.67 -42.21
C ASN A 160 9.30 2.99 -41.50
N ASP A 161 9.41 3.25 -40.21
CA ASP A 161 8.29 3.61 -39.36
C ASP A 161 8.92 3.51 -38.03
N LEU A 162 10.23 3.31 -38.05
CA LEU A 162 10.96 3.31 -36.83
C LEU A 162 10.55 4.61 -36.19
N LEU A 163 10.03 4.56 -34.96
CA LEU A 163 9.69 5.80 -34.28
C LEU A 163 10.89 6.46 -33.55
N PRO A 164 11.41 7.52 -34.13
CA PRO A 164 12.62 8.17 -33.59
C PRO A 164 12.72 8.07 -32.06
N GLY A 165 13.58 7.20 -31.57
CA GLY A 165 13.88 7.23 -30.15
C GLY A 165 13.18 6.19 -29.31
N GLU A 166 13.32 4.92 -29.69
CA GLU A 166 12.49 3.89 -29.08
C GLU A 166 12.92 2.48 -29.40
N LYS A 167 12.93 1.65 -28.34
CA LYS A 167 13.23 0.24 -28.39
C LYS A 167 12.11 -0.39 -29.15
N VAL A 168 12.43 -0.88 -30.31
CA VAL A 168 11.47 -1.58 -31.05
C VAL A 168 12.07 -2.89 -31.48
N THR A 169 11.29 -3.69 -32.16
CA THR A 169 11.67 -5.00 -32.54
C THR A 169 11.23 -5.02 -33.93
N THR A 170 12.12 -5.04 -34.90
CA THR A 170 11.68 -5.12 -36.28
C THR A 170 12.22 -6.43 -36.84
N GLN A 171 12.02 -6.66 -38.11
CA GLN A 171 12.42 -7.93 -38.70
C GLN A 171 13.17 -7.68 -39.99
N GLY A 172 13.58 -8.73 -40.69
CA GLY A 172 14.21 -8.57 -41.97
C GLY A 172 15.48 -9.36 -42.03
N LYS A 173 16.03 -9.49 -43.23
CA LYS A 173 17.37 -10.03 -43.41
C LYS A 173 18.37 -9.06 -42.85
N ILE A 174 19.62 -9.33 -43.21
CA ILE A 174 20.79 -8.72 -42.64
C ILE A 174 21.92 -9.09 -43.59
N VAL A 175 22.70 -8.11 -44.07
CA VAL A 175 23.70 -8.38 -45.10
C VAL A 175 25.12 -7.83 -44.91
N SER A 176 25.36 -7.14 -43.81
CA SER A 176 26.42 -6.17 -43.76
C SER A 176 27.24 -6.19 -42.46
N VAL A 177 28.35 -6.88 -42.45
CA VAL A 177 29.11 -6.87 -41.24
C VAL A 177 30.40 -6.09 -41.42
N GLU A 178 30.37 -4.83 -41.02
CA GLU A 178 31.55 -4.01 -41.03
C GLU A 178 31.90 -3.74 -39.57
N THR A 179 33.19 -3.63 -39.29
CA THR A 179 33.66 -3.22 -38.00
C THR A 179 34.59 -2.05 -38.22
N LYS A 180 34.47 -1.03 -37.40
CA LYS A 180 35.27 0.20 -37.56
C LYS A 180 36.04 0.50 -36.27
N LYS A 181 37.34 0.78 -36.41
CA LYS A 181 38.15 1.15 -35.26
C LYS A 181 38.49 2.59 -35.41
N PHE A 182 38.60 3.30 -34.31
CA PHE A 182 38.92 4.71 -34.42
C PHE A 182 40.08 5.01 -33.54
N GLN A 183 39.78 5.38 -32.30
CA GLN A 183 40.80 5.79 -31.37
C GLN A 183 40.59 4.90 -30.20
N ASN A 184 39.79 5.45 -29.31
CA ASN A 184 39.43 4.82 -28.08
C ASN A 184 38.05 4.25 -28.36
N MET A 185 37.87 3.73 -29.59
CA MET A 185 36.61 3.10 -29.96
C MET A 185 36.47 2.34 -31.29
N ASN A 186 35.76 1.23 -31.22
CA ASN A 186 35.47 0.46 -32.41
C ASN A 186 34.02 0.66 -32.81
N ILE A 187 33.63 0.01 -33.88
CA ILE A 187 32.25 0.05 -34.29
C ILE A 187 32.00 -1.19 -35.13
N LEU A 188 30.96 -1.90 -34.73
CA LEU A 188 30.54 -3.10 -35.43
C LEU A 188 29.26 -2.77 -36.10
N THR A 189 29.16 -3.04 -37.42
CA THR A 189 27.91 -2.85 -38.14
C THR A 189 27.54 -3.93 -39.09
N ALA A 190 26.26 -4.25 -39.09
CA ALA A 190 25.69 -5.17 -40.05
C ALA A 190 24.38 -4.50 -40.36
N VAL A 191 23.81 -4.78 -41.52
CA VAL A 191 22.54 -4.16 -41.72
C VAL A 191 21.49 -4.94 -42.44
N LEU A 192 20.28 -4.49 -42.16
CA LEU A 192 19.08 -5.29 -42.20
C LEU A 192 18.40 -4.81 -43.44
N SER A 193 17.80 -5.69 -44.20
CA SER A 193 17.21 -5.24 -45.43
C SER A 193 15.81 -5.84 -45.57
N ASP A 194 14.78 -5.11 -45.15
CA ASP A 194 13.40 -5.57 -45.36
C ASP A 194 13.43 -6.14 -46.75
N GLY A 195 13.32 -5.24 -47.71
CA GLY A 195 13.66 -5.50 -49.10
C GLY A 195 14.09 -4.19 -49.71
N LEU A 196 13.17 -3.23 -49.74
CA LEU A 196 13.47 -1.90 -50.24
C LEU A 196 14.40 -1.22 -49.26
N VAL A 197 13.91 -0.89 -48.08
CA VAL A 197 14.79 -0.23 -47.10
C VAL A 197 16.07 -1.04 -46.79
N HIS A 198 17.10 -0.33 -46.30
CA HIS A 198 18.32 -0.91 -45.69
C HIS A 198 18.66 -0.03 -44.50
N VAL A 199 18.91 -0.61 -43.33
CA VAL A 199 18.93 0.20 -42.10
C VAL A 199 20.10 -0.11 -41.16
N PRO A 200 21.11 0.75 -41.12
CA PRO A 200 22.22 0.57 -40.19
C PRO A 200 21.73 0.25 -38.80
N LEU A 201 22.57 -0.58 -38.18
CA LEU A 201 22.32 -1.38 -37.02
C LEU A 201 23.74 -1.44 -36.49
N LYS A 202 23.98 -0.79 -35.38
CA LYS A 202 25.35 -0.51 -35.09
C LYS A 202 25.70 -0.98 -33.69
N TRP A 203 26.95 -1.43 -33.54
CA TRP A 203 27.48 -1.89 -32.27
C TRP A 203 28.76 -1.19 -31.90
N PHE A 204 28.93 -0.93 -30.60
CA PHE A 204 30.05 -0.18 -30.08
C PHE A 204 31.23 -1.03 -29.67
N ASN A 205 31.49 -1.07 -28.36
CA ASN A 205 32.64 -1.80 -27.86
C ASN A 205 32.39 -3.28 -27.69
N GLN A 206 32.08 -3.90 -28.79
CA GLN A 206 31.87 -5.32 -28.81
C GLN A 206 32.30 -5.65 -30.16
N ASP A 207 33.01 -6.75 -30.24
CA ASP A 207 33.47 -7.16 -31.51
C ASP A 207 32.79 -8.47 -31.54
N TYR A 208 32.95 -9.23 -30.47
CA TYR A 208 32.45 -10.55 -30.60
C TYR A 208 31.34 -10.41 -31.62
N LEU A 209 30.16 -10.10 -31.12
CA LEU A 209 29.08 -9.81 -32.02
C LEU A 209 29.55 -10.05 -33.46
N GLN A 210 30.75 -9.57 -33.77
CA GLN A 210 31.33 -9.74 -35.11
C GLN A 210 31.04 -11.11 -35.59
N THR A 211 31.57 -12.06 -34.84
CA THR A 211 31.42 -13.47 -35.12
C THR A 211 29.99 -13.88 -35.41
N TYR A 212 29.15 -13.70 -34.41
CA TYR A 212 27.77 -14.09 -34.53
C TYR A 212 27.14 -13.49 -35.78
N LEU A 213 27.02 -12.18 -35.80
CA LEU A 213 26.50 -11.53 -36.98
C LEU A 213 27.08 -12.25 -38.25
N LYS A 214 28.40 -12.23 -38.44
CA LYS A 214 29.03 -13.01 -39.54
C LYS A 214 28.59 -14.45 -39.36
N GLN A 215 28.65 -14.82 -38.07
CA GLN A 215 28.29 -16.17 -37.66
C GLN A 215 26.96 -16.41 -38.37
N LEU A 216 26.45 -15.28 -38.92
CA LEU A 216 25.10 -15.34 -39.39
C LEU A 216 24.96 -14.95 -40.83
N THR A 217 25.39 -13.75 -41.25
CA THR A 217 24.95 -13.22 -42.60
C THR A 217 24.18 -14.28 -43.38
N GLY A 218 22.92 -14.10 -43.57
CA GLY A 218 22.34 -14.95 -44.57
C GLY A 218 20.88 -14.75 -44.44
N LYS A 219 20.45 -15.01 -43.21
CA LYS A 219 19.05 -15.14 -42.93
C LYS A 219 18.40 -13.84 -42.53
N GLU A 220 17.08 -13.96 -42.53
CA GLU A 220 16.30 -12.91 -41.96
C GLU A 220 16.01 -13.28 -40.54
N VAL A 221 15.85 -12.26 -39.73
CA VAL A 221 15.92 -12.43 -38.31
C VAL A 221 15.02 -11.39 -37.65
N PHE A 222 15.01 -11.40 -36.33
CA PHE A 222 14.38 -10.34 -35.56
C PHE A 222 15.33 -9.48 -34.73
N VAL A 223 15.31 -8.18 -34.97
CA VAL A 223 16.19 -7.31 -34.24
C VAL A 223 15.43 -6.43 -33.28
N THR A 224 15.97 -6.32 -32.08
CA THR A 224 15.34 -5.66 -30.96
C THR A 224 16.32 -4.68 -30.37
N GLY A 225 16.02 -3.40 -30.50
CA GLY A 225 16.92 -2.36 -30.01
C GLY A 225 16.31 -1.03 -29.61
N THR A 226 16.95 0.02 -30.09
CA THR A 226 16.46 1.38 -29.94
C THR A 226 16.72 2.11 -31.24
N VAL A 227 16.28 3.35 -31.29
CA VAL A 227 16.51 4.10 -32.48
C VAL A 227 17.23 5.37 -32.11
N LYS A 228 17.98 5.91 -33.04
CA LYS A 228 18.73 7.10 -32.71
C LYS A 228 18.61 8.16 -33.80
N SER A 229 18.31 9.38 -33.38
CA SER A 229 18.05 10.47 -34.32
C SER A 229 19.31 11.00 -35.01
N ASN A 230 20.39 10.24 -35.00
CA ASN A 230 21.66 10.76 -35.50
C ASN A 230 22.22 9.89 -36.62
N ALA A 231 23.52 10.02 -36.86
CA ALA A 231 24.19 9.28 -37.92
C ALA A 231 24.18 10.37 -38.91
N TYR A 232 24.55 11.53 -38.40
CA TYR A 232 24.53 12.74 -39.19
C TYR A 232 25.29 12.40 -40.45
N THR A 233 24.41 11.93 -41.30
CA THR A 233 24.55 11.51 -42.67
C THR A 233 23.05 11.33 -42.89
N GLY A 234 22.37 11.02 -41.80
CA GLY A 234 20.94 10.99 -41.77
C GLY A 234 20.48 9.61 -41.38
N GLN A 235 19.28 9.27 -41.85
CA GLN A 235 18.68 7.96 -41.65
C GLN A 235 19.11 7.23 -40.36
N TYR A 236 18.17 7.33 -39.41
CA TYR A 236 18.14 6.86 -38.03
C TYR A 236 19.12 5.92 -37.29
N GLU A 237 19.80 4.98 -37.93
CA GLU A 237 20.68 4.10 -37.16
C GLU A 237 19.98 3.42 -35.95
N ILE A 238 19.93 2.09 -35.91
CA ILE A 238 19.44 1.30 -34.75
C ILE A 238 20.58 0.71 -33.87
N HIS A 239 20.67 1.14 -32.61
CA HIS A 239 21.74 0.66 -31.73
C HIS A 239 21.28 -0.36 -30.72
N ASN A 240 22.17 -1.29 -30.38
CA ASN A 240 22.05 -2.04 -29.17
C ASN A 240 21.23 -3.28 -29.29
N ALA A 241 20.90 -3.71 -30.49
CA ALA A 241 19.77 -4.60 -30.56
C ALA A 241 20.19 -5.97 -30.13
N GLU A 242 19.25 -6.89 -30.30
CA GLU A 242 19.47 -8.30 -30.12
C GLU A 242 19.00 -8.78 -31.44
N VAL A 243 19.62 -9.81 -31.95
CA VAL A 243 19.27 -10.23 -33.26
C VAL A 243 19.22 -11.65 -32.99
N THR A 244 18.02 -12.13 -32.80
CA THR A 244 17.93 -13.55 -32.63
C THR A 244 17.64 -14.22 -33.94
N PRO A 245 18.23 -15.40 -34.15
CA PRO A 245 17.97 -16.11 -35.39
C PRO A 245 16.53 -16.11 -35.29
N LYS A 246 15.85 -17.23 -35.35
CA LYS A 246 14.48 -16.91 -35.19
C LYS A 246 13.43 -17.96 -35.11
N GLU A 247 12.50 -17.78 -36.05
CA GLU A 247 11.25 -18.49 -36.10
C GLU A 247 10.39 -17.87 -35.02
N GLY A 248 11.04 -17.04 -34.24
CA GLY A 248 10.41 -16.37 -33.12
C GLY A 248 8.89 -16.24 -33.01
N GLU A 249 8.18 -17.34 -32.79
CA GLU A 249 6.77 -17.22 -32.49
C GLU A 249 6.99 -16.99 -31.03
N TYR A 250 8.30 -17.29 -30.75
CA TYR A 250 8.85 -17.67 -29.47
C TYR A 250 9.88 -16.64 -28.98
N VAL A 251 9.86 -15.47 -29.58
CA VAL A 251 10.68 -14.41 -29.12
C VAL A 251 9.90 -13.20 -29.56
N ARG A 252 8.66 -13.47 -29.91
CA ARG A 252 7.67 -12.45 -30.14
C ARG A 252 6.81 -12.63 -28.92
N ARG A 253 7.43 -12.55 -27.75
CA ARG A 253 6.75 -12.81 -26.50
C ARG A 253 6.91 -11.69 -25.47
N ILE A 254 6.21 -11.79 -24.38
CA ILE A 254 6.52 -10.90 -23.29
C ILE A 254 7.62 -11.61 -22.61
N LEU A 255 8.55 -10.86 -22.06
CA LEU A 255 9.50 -11.53 -21.21
C LEU A 255 9.99 -10.58 -20.17
N PRO A 256 10.27 -11.09 -18.98
CA PRO A 256 10.45 -10.29 -17.77
C PRO A 256 11.73 -9.49 -17.66
N ILE A 257 11.77 -8.77 -16.55
CA ILE A 257 12.78 -7.81 -16.23
C ILE A 257 12.96 -7.97 -14.75
N TYR A 258 14.13 -8.40 -14.34
CA TYR A 258 14.31 -8.70 -12.93
C TYR A 258 15.22 -7.61 -12.38
N ARG A 259 15.23 -7.48 -11.04
CA ARG A 259 16.20 -6.66 -10.36
C ARG A 259 17.54 -7.20 -10.73
N LEU A 260 18.56 -6.37 -10.86
CA LEU A 260 19.87 -6.92 -11.23
C LEU A 260 20.91 -6.68 -10.13
N THR A 261 22.20 -6.91 -10.43
CA THR A 261 23.29 -6.70 -9.48
C THR A 261 24.65 -6.89 -10.07
N SER A 262 25.37 -5.81 -10.32
CA SER A 262 26.61 -5.92 -11.08
C SER A 262 27.19 -7.29 -10.86
N GLY A 263 27.45 -7.99 -11.94
CA GLY A 263 27.63 -9.43 -11.94
C GLY A 263 26.72 -9.89 -13.04
N ILE A 264 25.43 -9.85 -12.77
CA ILE A 264 24.48 -10.39 -13.71
C ILE A 264 23.79 -9.37 -14.57
N SER A 265 23.14 -9.91 -15.57
CA SER A 265 22.54 -9.21 -16.64
C SER A 265 21.13 -9.76 -16.82
N GLN A 266 20.25 -9.02 -17.44
CA GLN A 266 18.97 -9.60 -17.70
C GLN A 266 19.21 -10.87 -18.49
N LYS A 267 20.02 -10.79 -19.52
CA LYS A 267 20.05 -11.91 -20.42
C LYS A 267 20.50 -13.06 -19.56
N GLN A 268 21.40 -12.79 -18.63
CA GLN A 268 21.81 -13.77 -17.62
C GLN A 268 20.71 -14.14 -16.66
N MET A 269 20.43 -13.28 -15.71
CA MET A 269 19.33 -13.61 -14.82
C MET A 269 18.20 -14.30 -15.53
N ARG A 270 17.82 -13.87 -16.73
CA ARG A 270 16.66 -14.44 -17.40
C ARG A 270 16.84 -15.92 -17.66
N LYS A 271 17.86 -16.27 -18.43
CA LYS A 271 18.10 -17.66 -18.80
C LYS A 271 18.17 -18.50 -17.57
N ILE A 272 18.49 -17.86 -16.48
CA ILE A 272 18.54 -18.54 -15.22
C ILE A 272 17.11 -18.75 -14.62
N PHE A 273 16.19 -17.85 -14.81
CA PHE A 273 14.82 -18.14 -14.44
C PHE A 273 14.21 -19.03 -15.50
N GLU A 274 14.69 -18.87 -16.71
CA GLU A 274 14.15 -19.64 -17.79
C GLU A 274 14.35 -21.10 -17.52
N GLU A 275 15.39 -21.44 -16.79
CA GLU A 275 15.77 -22.84 -16.65
C GLU A 275 15.29 -23.40 -15.37
N ASN A 276 14.82 -22.59 -14.45
CA ASN A 276 14.37 -23.23 -13.24
C ASN A 276 12.91 -23.04 -12.98
N ILE A 277 12.36 -21.88 -13.27
CA ILE A 277 11.03 -21.69 -12.78
C ILE A 277 10.09 -22.82 -13.16
N PRO A 278 10.03 -23.19 -14.41
CA PRO A 278 9.08 -24.22 -14.79
C PRO A 278 9.26 -25.40 -13.83
N SER A 279 10.47 -25.91 -13.77
CA SER A 279 10.88 -26.88 -12.76
C SER A 279 10.22 -26.60 -11.39
N LEU A 280 10.66 -25.59 -10.68
CA LEU A 280 10.14 -25.39 -9.34
C LEU A 280 8.63 -25.23 -9.36
N CYS A 281 8.16 -24.13 -9.91
CA CYS A 281 6.73 -23.90 -9.91
C CYS A 281 6.05 -25.18 -9.55
N CYS A 282 6.21 -26.15 -10.44
CA CYS A 282 5.51 -27.42 -10.40
C CYS A 282 5.26 -27.98 -9.02
N SER A 283 6.25 -27.82 -8.16
CA SER A 283 6.16 -28.26 -6.77
C SER A 283 5.57 -27.24 -5.81
N LEU A 284 4.28 -27.35 -5.51
CA LEU A 284 3.64 -26.47 -4.55
C LEU A 284 2.28 -27.04 -4.13
N LYS A 285 2.18 -27.54 -2.90
CA LYS A 285 0.89 -28.07 -2.50
C LYS A 285 -0.24 -27.00 -2.61
N GLU A 286 -1.26 -27.27 -3.39
CA GLU A 286 -2.28 -26.27 -3.57
C GLU A 286 -2.58 -25.68 -2.20
N THR A 287 -3.16 -24.49 -2.15
CA THR A 287 -3.45 -23.90 -0.84
C THR A 287 -4.94 -23.72 -0.64
N LEU A 288 -5.60 -22.88 -1.39
CA LEU A 288 -7.03 -22.82 -1.08
C LEU A 288 -7.84 -23.86 -1.85
N PRO A 289 -8.89 -24.38 -1.20
CA PRO A 289 -9.70 -25.48 -1.74
C PRO A 289 -10.33 -25.27 -3.10
N GLU A 290 -10.42 -26.37 -3.86
CA GLU A 290 -10.90 -26.37 -5.23
C GLU A 290 -12.32 -25.79 -5.39
N ARG A 291 -13.15 -25.90 -4.35
CA ARG A 291 -14.51 -25.36 -4.40
C ARG A 291 -14.51 -23.85 -4.60
N ILE A 292 -13.45 -23.22 -4.09
CA ILE A 292 -13.28 -21.80 -4.27
C ILE A 292 -12.89 -21.53 -5.68
N LEU A 293 -11.64 -21.88 -5.98
CA LEU A 293 -11.15 -21.74 -7.32
C LEU A 293 -12.37 -21.58 -8.19
N GLU A 294 -13.15 -22.66 -8.29
CA GLU A 294 -14.14 -22.75 -9.33
C GLU A 294 -15.00 -21.54 -9.22
N LYS A 295 -15.11 -21.02 -8.02
CA LYS A 295 -16.09 -19.99 -7.89
C LYS A 295 -15.69 -18.84 -8.71
N ARG A 296 -14.47 -18.37 -8.54
CA ARG A 296 -14.05 -17.13 -9.20
C ARG A 296 -13.13 -17.25 -10.42
N LYS A 297 -12.55 -18.42 -10.65
CA LYS A 297 -11.85 -18.63 -11.91
C LYS A 297 -10.35 -18.28 -12.06
N LEU A 298 -9.58 -17.99 -11.03
CA LEU A 298 -8.14 -17.90 -11.38
C LEU A 298 -7.19 -18.90 -10.75
N LEU A 299 -6.57 -19.59 -11.67
CA LEU A 299 -5.54 -20.59 -11.47
C LEU A 299 -5.04 -20.93 -10.05
N GLY A 300 -4.90 -22.25 -9.83
CA GLY A 300 -4.14 -22.76 -8.71
C GLY A 300 -2.91 -21.93 -8.41
N VAL A 301 -1.76 -22.43 -8.77
CA VAL A 301 -0.56 -21.87 -8.22
C VAL A 301 0.32 -22.19 -9.32
N LYS A 302 0.93 -23.35 -9.20
CA LYS A 302 1.81 -23.70 -10.24
C LYS A 302 1.56 -22.60 -11.28
N ASP A 303 0.48 -22.70 -12.02
CA ASP A 303 0.42 -21.86 -13.20
C ASP A 303 0.64 -20.39 -12.85
N ALA A 304 0.06 -19.94 -11.72
CA ALA A 304 0.07 -18.51 -11.29
C ALA A 304 1.43 -17.95 -11.07
N TYR A 305 2.17 -18.59 -10.18
CA TYR A 305 3.59 -18.37 -10.08
C TYR A 305 4.24 -18.48 -11.41
N TYR A 306 4.00 -19.59 -12.11
CA TYR A 306 4.36 -19.60 -13.51
C TYR A 306 4.14 -18.24 -14.19
N GLY A 307 2.89 -17.81 -14.27
CA GLY A 307 2.54 -16.56 -14.92
C GLY A 307 3.30 -15.29 -14.56
N MET A 308 3.56 -15.06 -13.27
CA MET A 308 4.36 -13.92 -12.89
C MET A 308 5.74 -13.84 -13.54
N HIS A 309 6.24 -14.93 -14.13
CA HIS A 309 7.54 -14.82 -14.79
C HIS A 309 7.39 -14.95 -16.30
N PHE A 310 6.63 -15.92 -16.71
CA PHE A 310 6.60 -16.18 -18.10
C PHE A 310 5.18 -16.18 -18.72
N PRO A 311 4.48 -15.06 -18.69
CA PRO A 311 3.14 -14.95 -19.23
C PRO A 311 3.15 -14.87 -20.74
N LYS A 312 1.96 -14.97 -21.45
CA LYS A 312 1.92 -14.71 -22.89
C LYS A 312 0.65 -14.01 -23.30
N THR A 313 0.18 -13.22 -22.38
CA THR A 313 -1.05 -12.52 -22.52
C THR A 313 -0.86 -11.75 -21.30
N PHE A 314 -1.11 -10.46 -21.34
CA PHE A 314 -1.03 -9.74 -20.11
C PHE A 314 -2.20 -10.31 -19.34
N TYR A 315 -3.21 -10.83 -20.08
CA TYR A 315 -4.33 -11.53 -19.43
C TYR A 315 -3.81 -12.62 -18.50
N HIS A 316 -2.96 -13.50 -19.01
CA HIS A 316 -2.29 -14.41 -18.11
C HIS A 316 -1.92 -13.65 -16.83
N LEU A 317 -0.78 -12.98 -16.84
CA LEU A 317 -0.30 -12.15 -15.75
C LEU A 317 -1.37 -11.53 -14.83
N GLU A 318 -2.32 -10.81 -15.39
CA GLU A 318 -3.54 -10.52 -14.67
C GLU A 318 -4.05 -11.75 -13.96
N LYS A 319 -4.57 -12.70 -14.67
CA LYS A 319 -5.01 -13.83 -13.92
C LYS A 319 -4.05 -14.39 -12.87
N ALA A 320 -2.82 -13.93 -12.84
CA ALA A 320 -1.86 -14.58 -11.99
C ALA A 320 -1.73 -13.76 -10.71
N ARG A 321 -1.56 -12.46 -10.86
CA ARG A 321 -1.58 -11.65 -9.68
C ARG A 321 -2.90 -11.93 -9.04
N GLU A 322 -3.96 -11.53 -9.71
CA GLU A 322 -5.31 -11.77 -9.22
C GLU A 322 -5.46 -13.07 -8.40
N ARG A 323 -4.86 -14.16 -8.84
CA ARG A 323 -5.02 -15.37 -8.07
C ARG A 323 -4.14 -15.13 -6.96
N LEU A 324 -2.94 -14.73 -7.30
CA LEU A 324 -1.88 -14.61 -6.29
C LEU A 324 -2.12 -13.59 -5.17
N ALA A 325 -3.14 -12.76 -5.30
CA ALA A 325 -3.38 -11.65 -4.42
C ALA A 325 -4.62 -12.01 -3.62
N TYR A 326 -5.73 -12.32 -4.27
CA TYR A 326 -6.84 -12.89 -3.52
C TYR A 326 -6.28 -13.85 -2.48
N GLU A 327 -5.46 -14.77 -2.94
CA GLU A 327 -4.85 -15.73 -2.03
C GLU A 327 -4.53 -15.07 -0.77
N GLU A 328 -3.70 -14.04 -0.85
CA GLU A 328 -3.12 -13.46 0.36
C GLU A 328 -4.02 -12.47 1.09
N LEU A 329 -5.20 -12.21 0.56
CA LEU A 329 -6.15 -11.44 1.32
C LEU A 329 -6.94 -12.46 2.07
N PHE A 330 -7.16 -13.58 1.42
CA PHE A 330 -7.79 -14.70 2.05
C PHE A 330 -7.10 -14.87 3.38
N VAL A 331 -5.81 -15.13 3.31
CA VAL A 331 -5.05 -15.34 4.50
C VAL A 331 -5.48 -14.37 5.58
N LEU A 332 -5.89 -13.18 5.23
CA LEU A 332 -6.23 -12.24 6.27
C LEU A 332 -7.64 -12.51 6.69
N GLN A 333 -8.59 -12.14 5.85
CA GLN A 333 -9.97 -12.38 6.16
C GLN A 333 -10.23 -13.76 6.74
N LEU A 334 -9.34 -14.72 6.50
CA LEU A 334 -9.53 -15.98 7.15
C LEU A 334 -9.34 -15.73 8.63
N ALA A 335 -8.10 -15.41 9.01
CA ALA A 335 -7.75 -15.15 10.40
C ALA A 335 -8.76 -14.23 11.10
N PHE A 336 -9.36 -13.32 10.33
CA PHE A 336 -10.35 -12.41 10.89
C PHE A 336 -11.56 -13.14 11.35
N GLN A 337 -12.41 -13.60 10.46
CA GLN A 337 -13.56 -14.33 10.94
C GLN A 337 -13.10 -15.28 12.05
N LYS A 338 -12.01 -16.00 11.78
CA LYS A 338 -11.53 -16.99 12.71
C LYS A 338 -11.39 -16.42 14.11
N ILE A 339 -11.42 -15.09 14.18
CA ILE A 339 -11.38 -14.35 15.43
C ILE A 339 -12.82 -13.98 15.69
N ARG A 340 -13.39 -13.29 14.71
CA ARG A 340 -14.71 -12.73 14.82
C ARG A 340 -15.68 -13.77 15.30
N LYS A 341 -15.39 -15.03 14.96
CA LYS A 341 -16.28 -16.18 15.28
C LYS A 341 -16.15 -16.57 16.74
N GLU A 342 -14.90 -16.69 17.17
CA GLU A 342 -14.55 -16.98 18.53
C GLU A 342 -15.19 -15.99 19.48
N ARG A 343 -15.69 -14.90 18.94
CA ARG A 343 -16.30 -13.89 19.76
C ARG A 343 -17.77 -14.23 19.80
N GLU A 344 -18.23 -14.81 18.69
CA GLU A 344 -19.61 -15.26 18.59
C GLU A 344 -19.86 -16.38 19.59
N LYS A 345 -18.87 -17.23 19.84
CA LYS A 345 -18.97 -18.21 20.91
C LYS A 345 -19.22 -17.47 22.22
N HIS A 346 -18.14 -17.06 22.87
CA HIS A 346 -18.25 -16.47 24.18
C HIS A 346 -19.43 -15.50 24.30
N GLY A 347 -19.94 -15.04 23.20
CA GLY A 347 -21.08 -14.15 23.25
C GLY A 347 -20.86 -12.84 23.97
N GLY A 348 -21.74 -11.87 23.67
CA GLY A 348 -21.76 -10.54 24.27
C GLY A 348 -22.92 -10.28 25.19
N ILE A 349 -23.21 -9.01 25.51
CA ILE A 349 -24.31 -8.58 26.40
C ILE A 349 -24.78 -7.21 25.96
N PRO A 350 -26.08 -6.96 26.02
CA PRO A 350 -26.61 -5.65 25.69
C PRO A 350 -27.11 -4.92 26.88
N LYS A 351 -27.75 -3.78 26.67
CA LYS A 351 -28.65 -3.23 27.69
C LYS A 351 -29.42 -2.01 27.23
N LYS A 352 -30.32 -1.55 28.09
CA LYS A 352 -31.22 -0.45 27.80
C LYS A 352 -30.55 0.84 28.17
N ILE A 353 -31.12 1.96 27.74
CA ILE A 353 -30.37 3.20 27.83
C ILE A 353 -31.25 4.45 27.96
N GLU A 354 -30.86 5.33 28.89
CA GLU A 354 -31.63 6.52 29.21
C GLU A 354 -31.19 7.76 28.42
N GLY A 355 -31.92 8.09 27.37
CA GLY A 355 -31.63 9.32 26.66
C GLY A 355 -31.28 10.38 27.68
N LYS A 356 -31.78 10.20 28.90
CA LYS A 356 -31.48 11.03 30.04
C LYS A 356 -30.06 11.58 29.96
N LEU A 357 -29.11 10.78 30.39
CA LEU A 357 -27.73 11.23 30.39
C LEU A 357 -27.30 12.14 29.21
N ALA A 358 -27.08 11.54 28.04
CA ALA A 358 -26.60 12.26 26.88
C ALA A 358 -27.36 13.59 26.65
N GLU A 359 -28.69 13.51 26.54
CA GLU A 359 -29.52 14.69 26.28
C GLU A 359 -29.00 15.76 27.20
N GLU A 360 -28.69 15.34 28.43
CA GLU A 360 -28.14 16.21 29.43
C GLU A 360 -26.76 16.58 28.98
N PHE A 361 -25.85 15.62 29.03
CA PHE A 361 -24.49 15.92 28.65
C PHE A 361 -24.53 16.84 27.44
N ILE A 362 -25.31 16.50 26.43
CA ILE A 362 -25.13 17.20 25.18
C ILE A 362 -25.52 18.64 25.38
N LYS A 363 -26.68 18.88 25.97
CA LYS A 363 -27.10 20.28 26.18
C LYS A 363 -26.16 21.03 27.14
N SER A 364 -25.47 20.30 28.00
CA SER A 364 -24.50 20.92 28.89
C SER A 364 -23.40 21.67 28.14
N LEU A 365 -22.94 21.12 27.05
CA LEU A 365 -21.73 21.65 26.43
C LEU A 365 -21.96 23.05 25.92
N PRO A 366 -20.86 23.76 25.60
CA PRO A 366 -20.94 25.03 24.87
C PRO A 366 -21.23 24.73 23.43
N PHE A 367 -20.19 24.44 22.69
CA PHE A 367 -20.29 24.20 21.28
C PHE A 367 -21.49 23.37 20.81
N LYS A 368 -21.61 23.23 19.48
CA LYS A 368 -22.63 22.44 18.72
C LYS A 368 -22.62 20.90 18.86
N LEU A 369 -21.68 20.28 18.15
CA LEU A 369 -21.60 18.84 17.97
C LEU A 369 -21.54 18.77 16.46
N THR A 370 -21.27 17.62 15.87
CA THR A 370 -21.22 17.53 14.42
C THR A 370 -22.19 16.44 14.05
N ASN A 371 -22.61 16.43 12.79
CA ASN A 371 -23.47 15.35 12.34
C ASN A 371 -22.61 14.10 12.26
N ALA A 372 -21.31 14.32 12.16
CA ALA A 372 -20.35 13.25 12.31
C ALA A 372 -20.37 12.60 13.70
N GLN A 373 -20.10 13.39 14.72
CA GLN A 373 -19.93 12.82 16.04
C GLN A 373 -21.26 12.23 16.37
N LYS A 374 -22.29 12.84 15.80
CA LYS A 374 -23.62 12.41 16.09
C LYS A 374 -23.62 10.99 15.69
N ARG A 375 -23.24 10.71 14.45
CA ARG A 375 -23.15 9.33 13.96
C ARG A 375 -22.26 8.43 14.84
N ALA A 376 -21.02 8.84 15.08
CA ALA A 376 -20.23 8.12 16.04
C ALA A 376 -21.18 7.56 17.08
N HIS A 377 -22.12 8.42 17.49
CA HIS A 377 -22.99 8.17 18.63
C HIS A 377 -24.02 7.09 18.35
N GLN A 378 -24.86 7.37 17.36
CA GLN A 378 -25.99 6.52 16.98
C GLN A 378 -25.45 5.12 16.80
N GLU A 379 -24.19 5.03 16.46
CA GLU A 379 -23.57 3.78 16.11
C GLU A 379 -23.13 3.01 17.37
N ILE A 380 -22.19 3.54 18.12
CA ILE A 380 -21.84 2.99 19.45
C ILE A 380 -23.02 2.46 20.34
N ARG A 381 -23.90 3.36 20.78
CA ARG A 381 -25.14 2.99 21.49
C ARG A 381 -25.54 1.62 20.96
N ASN A 382 -26.03 1.67 19.74
CA ASN A 382 -26.67 0.56 19.08
C ASN A 382 -25.91 -0.76 19.16
N ASP A 383 -24.59 -0.67 18.95
CA ASP A 383 -23.68 -1.83 18.92
C ASP A 383 -23.43 -2.34 20.32
N MET A 384 -23.49 -1.44 21.29
CA MET A 384 -23.33 -1.84 22.68
C MET A 384 -24.56 -2.59 23.03
N ILE A 385 -25.69 -1.92 22.77
CA ILE A 385 -27.07 -2.45 22.86
C ILE A 385 -27.33 -3.83 22.27
N SER A 386 -26.64 -4.13 21.18
CA SER A 386 -26.84 -5.38 20.46
C SER A 386 -26.37 -6.59 21.26
N GLU A 387 -27.08 -7.70 21.05
CA GLU A 387 -26.96 -8.89 21.86
C GLU A 387 -25.54 -9.41 21.88
N LYS A 388 -24.62 -8.71 21.27
CA LYS A 388 -23.26 -9.22 21.27
C LYS A 388 -22.20 -8.15 21.47
N PRO A 389 -20.94 -8.52 21.28
CA PRO A 389 -19.83 -7.61 21.54
C PRO A 389 -19.86 -6.39 20.62
N MET A 390 -18.84 -5.56 20.75
CA MET A 390 -18.76 -4.32 20.01
C MET A 390 -17.29 -4.37 20.07
N ASN A 391 -16.62 -4.04 18.96
CA ASN A 391 -15.18 -3.81 18.86
C ASN A 391 -14.98 -2.58 17.99
N ARG A 392 -15.93 -1.65 17.99
CA ARG A 392 -15.79 -0.50 17.09
C ARG A 392 -14.37 0.12 17.17
N LEU A 393 -14.01 0.96 16.20
CA LEU A 393 -12.80 1.80 16.27
C LEU A 393 -13.21 3.25 16.08
N LEU A 394 -12.91 4.09 17.05
CA LEU A 394 -13.35 5.45 16.94
C LEU A 394 -12.16 6.14 16.39
N GLN A 395 -12.25 6.49 15.12
CA GLN A 395 -11.09 6.93 14.36
C GLN A 395 -11.30 8.36 14.01
N GLY A 396 -10.23 9.10 13.98
CA GLY A 396 -10.41 10.50 13.71
C GLY A 396 -9.08 11.12 13.65
N ASP A 397 -9.07 12.43 13.70
CA ASP A 397 -7.90 13.17 13.37
C ASP A 397 -7.74 14.16 14.51
N VAL A 398 -6.58 14.17 15.15
CA VAL A 398 -6.37 14.95 16.37
C VAL A 398 -7.20 16.20 16.36
N GLY A 399 -8.21 16.24 17.20
CA GLY A 399 -9.01 17.42 17.30
C GLY A 399 -10.14 17.36 16.33
N SER A 400 -11.01 16.38 16.50
CA SER A 400 -12.10 16.20 15.58
C SER A 400 -13.31 16.04 16.44
N GLY A 401 -13.02 15.70 17.70
CA GLY A 401 -14.02 15.43 18.72
C GLY A 401 -14.03 13.99 19.15
N LYS A 402 -12.93 13.28 18.97
CA LYS A 402 -12.95 11.89 19.32
C LYS A 402 -13.42 11.89 20.75
N THR A 403 -12.69 12.60 21.61
CA THR A 403 -12.90 12.54 23.09
C THR A 403 -14.33 12.63 23.58
N VAL A 404 -14.96 13.78 23.38
CA VAL A 404 -16.38 13.92 23.66
C VAL A 404 -17.05 12.56 23.57
N VAL A 405 -17.41 12.19 22.35
CA VAL A 405 -17.95 10.87 22.00
C VAL A 405 -17.63 9.66 22.93
N ALA A 406 -16.35 9.32 23.07
CA ALA A 406 -15.93 8.40 24.11
C ALA A 406 -16.70 8.62 25.41
N GLN A 407 -16.85 9.87 25.79
CA GLN A 407 -17.48 10.18 27.04
C GLN A 407 -18.95 9.80 27.05
N LEU A 408 -19.62 10.03 25.93
CA LEU A 408 -20.97 9.49 25.82
C LEU A 408 -20.91 7.98 25.98
N ALA A 409 -20.05 7.31 25.24
CA ALA A 409 -19.90 5.88 25.50
C ALA A 409 -19.90 5.64 26.99
N ILE A 410 -19.30 6.56 27.71
CA ILE A 410 -18.97 6.28 29.10
C ILE A 410 -20.20 6.43 29.96
N LEU A 411 -21.02 7.46 29.70
CA LEU A 411 -22.33 7.61 30.35
C LEU A 411 -23.29 6.47 30.01
N ASP A 412 -23.54 6.33 28.73
CA ASP A 412 -24.42 5.29 28.26
C ASP A 412 -24.09 4.00 28.93
N ASN A 413 -22.84 3.64 28.93
CA ASN A 413 -22.53 2.38 29.56
C ASN A 413 -22.85 2.41 31.07
N TYR A 414 -22.36 3.42 31.78
CA TYR A 414 -22.64 3.62 33.20
C TYR A 414 -24.15 3.64 33.36
N GLU A 415 -24.77 4.62 32.70
CA GLU A 415 -26.23 4.77 32.65
C GLU A 415 -26.95 3.45 32.49
N ALA A 416 -26.32 2.52 31.80
CA ALA A 416 -26.93 1.23 31.60
C ALA A 416 -26.94 0.51 32.92
N GLY A 417 -25.84 -0.09 33.32
CA GLY A 417 -25.82 -0.79 34.60
C GLY A 417 -24.41 -1.11 35.00
N PHE A 418 -23.58 -1.32 34.00
CA PHE A 418 -22.26 -1.89 34.18
C PHE A 418 -21.31 -0.75 34.24
N GLN A 419 -20.06 -1.11 34.47
CA GLN A 419 -19.00 -0.13 34.59
C GLN A 419 -17.91 -0.29 33.52
N THR A 420 -17.41 0.86 33.06
CA THR A 420 -16.36 0.91 32.04
C THR A 420 -14.94 1.09 32.60
N ALA A 421 -13.95 0.84 31.75
CA ALA A 421 -12.58 0.87 32.21
C ALA A 421 -11.64 1.38 31.15
N PHE A 422 -11.23 2.63 31.30
CA PHE A 422 -10.34 3.33 30.40
C PHE A 422 -8.92 2.88 30.49
N MET A 423 -8.32 2.60 29.34
CA MET A 423 -6.95 2.14 29.29
C MET A 423 -6.08 3.13 28.49
N VAL A 424 -4.84 3.34 28.91
CA VAL A 424 -4.01 4.30 28.23
C VAL A 424 -2.53 4.02 28.44
N PRO A 425 -1.72 4.22 27.42
CA PRO A 425 -0.33 3.77 27.43
C PRO A 425 0.54 4.29 28.56
N THR A 426 0.26 5.47 29.11
CA THR A 426 1.19 6.02 30.09
C THR A 426 0.61 6.63 31.37
N SER A 427 1.29 6.40 32.49
CA SER A 427 0.88 6.92 33.79
C SER A 427 0.60 8.39 33.67
N ILE A 428 1.53 9.09 33.02
CA ILE A 428 1.44 10.55 32.90
C ILE A 428 0.19 10.95 32.13
N LEU A 429 -0.30 10.00 31.32
CA LEU A 429 -1.36 10.21 30.35
C LEU A 429 -2.70 9.87 30.95
N ALA A 430 -2.67 8.86 31.82
CA ALA A 430 -3.72 8.47 32.74
C ALA A 430 -4.10 9.64 33.65
N ILE A 431 -3.18 10.01 34.57
CA ILE A 431 -3.38 11.21 35.40
C ILE A 431 -4.08 12.23 34.55
N GLN A 432 -3.45 12.61 33.47
CA GLN A 432 -3.95 13.70 32.67
C GLN A 432 -5.33 13.43 32.06
N HIS A 433 -5.60 12.20 31.74
CA HIS A 433 -6.84 11.97 31.06
C HIS A 433 -7.88 12.13 32.10
N TYR A 434 -7.68 11.41 33.20
CA TYR A 434 -8.52 11.45 34.39
C TYR A 434 -9.08 12.85 34.63
N ARG A 435 -8.28 13.78 35.12
CA ARG A 435 -8.73 15.17 35.12
C ARG A 435 -9.87 15.42 34.11
N ARG A 436 -9.65 15.20 32.82
CA ARG A 436 -10.70 15.57 31.87
C ARG A 436 -11.99 14.79 32.04
N THR A 437 -11.91 13.48 32.19
CA THR A 437 -13.15 12.74 32.20
C THR A 437 -14.03 13.22 33.33
N VAL A 438 -13.40 13.79 34.34
CA VAL A 438 -14.11 14.23 35.52
C VAL A 438 -14.51 15.67 35.35
N GLU A 439 -13.54 16.56 35.33
CA GLU A 439 -13.90 17.93 35.17
C GLU A 439 -14.79 17.93 33.96
N SER A 440 -14.47 17.08 33.00
CA SER A 440 -15.35 16.88 31.86
C SER A 440 -16.69 16.40 32.35
N PHE A 441 -16.75 15.18 32.80
CA PHE A 441 -17.94 14.78 33.51
C PHE A 441 -18.31 15.90 34.48
N SER A 442 -17.46 16.93 34.58
CA SER A 442 -17.68 18.05 35.51
C SER A 442 -18.47 17.58 36.77
N LYS A 443 -18.80 16.29 36.74
CA LYS A 443 -19.63 15.63 37.71
C LYS A 443 -21.04 15.45 37.19
N PHE A 444 -21.79 14.75 38.01
CA PHE A 444 -23.13 14.34 37.78
C PHE A 444 -23.22 13.73 39.13
N ASN A 445 -22.25 12.76 39.31
CA ASN A 445 -22.65 11.59 40.10
C ASN A 445 -21.95 10.28 39.74
N ILE A 446 -20.79 10.38 39.16
CA ILE A 446 -20.03 9.21 38.79
C ILE A 446 -18.70 9.27 39.47
N HIS A 447 -18.36 8.15 40.05
CA HIS A 447 -17.07 8.02 40.69
C HIS A 447 -16.07 7.35 39.79
N VAL A 448 -15.08 8.12 39.36
CA VAL A 448 -14.03 7.62 38.51
C VAL A 448 -12.71 7.70 39.22
N ALA A 449 -11.84 6.71 39.00
CA ALA A 449 -10.59 6.53 39.73
C ALA A 449 -9.31 6.77 38.89
N LEU A 450 -8.13 6.45 39.41
CA LEU A 450 -7.04 6.01 38.60
C LEU A 450 -6.38 5.11 39.48
N LEU A 451 -5.60 4.22 38.91
CA LEU A 451 -4.98 3.21 39.68
C LEU A 451 -3.61 3.01 39.02
N ILE A 452 -2.59 3.73 39.45
CA ILE A 452 -1.42 3.73 38.60
C ILE A 452 -0.13 3.30 39.21
N GLY A 453 -0.14 2.87 40.45
CA GLY A 453 1.10 2.38 41.02
C GLY A 453 1.85 3.53 41.66
N ALA A 454 1.62 4.71 41.12
CA ALA A 454 2.01 5.88 41.82
C ALA A 454 1.14 5.94 43.03
N THR A 455 -0.16 5.79 42.84
CA THR A 455 -1.12 5.82 43.93
C THR A 455 -0.70 4.92 45.06
N THR A 456 -0.88 5.42 46.28
CA THR A 456 -0.45 4.77 47.52
C THR A 456 -1.20 3.51 47.84
N PRO A 457 -0.44 2.51 48.27
CA PRO A 457 -0.90 1.14 48.38
C PRO A 457 -2.29 1.02 48.95
N SER A 458 -2.55 1.68 50.06
CA SER A 458 -3.88 1.68 50.61
C SER A 458 -4.81 2.08 49.49
N GLU A 459 -4.73 3.36 49.16
CA GLU A 459 -5.60 3.99 48.21
C GLU A 459 -5.88 2.99 47.11
N LYS A 460 -4.86 2.21 46.76
CA LYS A 460 -5.04 1.21 45.74
C LYS A 460 -6.17 0.39 46.27
N GLU A 461 -5.91 -0.16 47.44
CA GLU A 461 -6.82 -1.08 48.09
C GLU A 461 -8.22 -0.53 48.13
N LYS A 462 -8.34 0.72 48.57
CA LYS A 462 -9.66 1.30 48.74
C LYS A 462 -10.30 1.26 47.41
N ILE A 463 -9.47 1.31 46.38
CA ILE A 463 -9.94 1.37 45.01
C ILE A 463 -10.27 -0.02 44.50
N LYS A 464 -9.25 -0.83 44.31
CA LYS A 464 -9.47 -2.20 43.92
C LYS A 464 -10.85 -2.69 44.39
N SER A 465 -10.95 -2.94 45.70
CA SER A 465 -12.17 -3.25 46.45
C SER A 465 -13.37 -2.45 45.99
N GLY A 466 -13.16 -1.15 45.82
CA GLY A 466 -14.17 -0.31 45.22
C GLY A 466 -14.72 -0.92 43.94
N LEU A 467 -13.91 -1.70 43.24
CA LEU A 467 -14.31 -2.21 41.92
C LEU A 467 -14.88 -3.61 42.02
N ARG A 468 -14.24 -4.44 42.85
CA ARG A 468 -14.70 -5.79 43.19
C ARG A 468 -16.15 -5.85 43.48
N ASN A 469 -16.72 -4.67 43.76
CA ASN A 469 -18.10 -4.55 44.15
C ASN A 469 -18.46 -3.11 44.33
N GLY A 470 -19.39 -2.62 43.54
CA GLY A 470 -20.10 -1.43 43.95
C GLY A 470 -20.01 -0.39 42.88
N GLN A 471 -19.72 0.84 43.30
CA GLN A 471 -19.98 2.03 42.50
C GLN A 471 -18.68 2.82 42.40
N ILE A 472 -17.64 2.12 41.97
CA ILE A 472 -16.57 2.72 41.21
C ILE A 472 -16.99 2.48 39.78
N ASP A 473 -17.33 3.60 39.13
CA ASP A 473 -17.94 3.65 37.82
C ASP A 473 -16.99 3.56 36.61
N VAL A 474 -15.77 4.10 36.71
CA VAL A 474 -14.80 4.00 35.64
C VAL A 474 -13.47 3.93 36.30
N VAL A 475 -12.53 3.15 35.81
CA VAL A 475 -11.20 3.17 36.38
C VAL A 475 -10.33 3.76 35.33
N ILE A 476 -9.59 4.82 35.62
CA ILE A 476 -8.57 5.29 34.66
C ILE A 476 -7.08 4.87 34.93
N GLY A 477 -6.48 4.13 34.01
CA GLY A 477 -5.17 3.56 34.30
C GLY A 477 -4.39 3.15 33.08
N THR A 478 -3.23 2.54 33.27
CA THR A 478 -2.50 1.89 32.19
C THR A 478 -2.86 0.42 32.02
N HIS A 479 -2.18 -0.25 31.09
CA HIS A 479 -2.36 -1.68 30.91
C HIS A 479 -1.66 -2.19 32.13
N ALA A 480 -1.71 -1.34 33.13
CA ALA A 480 -1.27 -1.68 34.44
C ALA A 480 -2.37 -2.54 35.00
N LEU A 481 -3.62 -2.07 34.94
CA LEU A 481 -4.71 -2.86 35.48
C LEU A 481 -4.38 -4.30 35.17
N ILE A 482 -4.70 -4.67 33.95
CA ILE A 482 -4.75 -6.04 33.54
C ILE A 482 -3.57 -6.91 33.95
N GLN A 483 -2.56 -6.35 34.57
CA GLN A 483 -1.34 -7.12 34.70
C GLN A 483 -1.25 -7.57 36.12
N GLU A 484 -2.06 -6.93 36.97
CA GLU A 484 -2.11 -7.26 38.38
C GLU A 484 -3.30 -8.15 38.71
N ASP A 485 -4.36 -8.00 37.92
CA ASP A 485 -5.56 -8.82 38.06
C ASP A 485 -6.66 -8.21 38.93
N VAL A 486 -7.40 -7.29 38.34
CA VAL A 486 -8.47 -6.57 39.05
C VAL A 486 -9.80 -7.34 38.95
N HIS A 487 -10.82 -6.88 39.68
CA HIS A 487 -12.14 -7.50 39.60
C HIS A 487 -13.21 -6.45 39.72
N PHE A 488 -14.41 -6.86 39.34
CA PHE A 488 -15.66 -6.11 39.45
C PHE A 488 -16.52 -7.11 38.72
N LYS A 489 -17.75 -7.38 39.15
CA LYS A 489 -18.41 -8.47 38.44
C LYS A 489 -19.34 -7.93 37.37
N ASN A 490 -19.30 -6.63 37.14
CA ASN A 490 -19.95 -6.05 36.00
C ASN A 490 -18.99 -5.11 35.32
N LEU A 491 -18.71 -5.30 34.05
CA LEU A 491 -17.81 -4.41 33.39
C LEU A 491 -18.31 -4.34 31.99
N GLY A 492 -18.91 -3.21 31.62
CA GLY A 492 -19.65 -3.18 30.38
C GLY A 492 -18.93 -2.63 29.17
N LEU A 493 -17.60 -2.52 29.22
CA LEU A 493 -16.85 -1.81 28.18
C LEU A 493 -15.41 -1.46 28.54
N VAL A 494 -14.63 -1.21 27.51
CA VAL A 494 -13.21 -0.96 27.68
C VAL A 494 -12.85 0.03 26.60
N ILE A 495 -12.49 1.23 26.99
CA ILE A 495 -12.01 2.20 26.04
C ILE A 495 -10.50 2.09 25.90
N ILE A 496 -9.98 2.33 24.70
CA ILE A 496 -8.52 2.32 24.53
C ILE A 496 -7.90 3.47 23.77
N ASP A 497 -6.71 3.88 24.17
CA ASP A 497 -5.97 4.83 23.35
C ASP A 497 -4.73 4.16 22.83
N GLU A 498 -4.77 3.75 21.56
CA GLU A 498 -3.57 3.52 20.75
C GLU A 498 -2.67 2.22 20.92
N GLN A 499 -1.38 2.38 20.64
CA GLN A 499 -0.43 1.25 20.64
C GLN A 499 0.26 1.12 22.01
N HIS A 500 -0.13 0.09 22.76
CA HIS A 500 0.45 -0.20 24.07
C HIS A 500 1.55 -1.24 24.03
N ARG A 501 2.67 -0.96 23.40
CA ARG A 501 3.87 -1.77 23.62
C ARG A 501 3.84 -3.22 22.98
N PHE A 502 4.23 -4.24 23.74
CA PHE A 502 4.37 -5.58 23.21
C PHE A 502 5.66 -5.70 22.40
N GLU A 508 -5.21 -9.28 23.63
CA GLU A 508 -6.02 -9.53 24.82
C GLU A 508 -7.38 -8.83 24.78
N ALA A 509 -8.37 -9.51 25.34
CA ALA A 509 -9.73 -8.99 25.41
C ALA A 509 -10.27 -9.25 26.80
N LEU A 510 -11.46 -8.77 27.09
CA LEU A 510 -11.96 -8.99 28.42
C LEU A 510 -13.27 -9.68 28.40
N MET A 511 -13.46 -10.54 29.39
CA MET A 511 -14.71 -11.23 29.46
C MET A 511 -15.26 -11.07 30.86
N ASN A 512 -16.50 -10.62 30.98
CA ASN A 512 -17.14 -10.70 32.27
C ASN A 512 -17.25 -12.12 32.70
N LYS A 513 -18.38 -12.52 33.21
CA LYS A 513 -18.52 -13.90 33.60
C LYS A 513 -17.90 -14.81 32.54
N GLY A 514 -18.34 -14.62 31.31
CA GLY A 514 -17.88 -15.40 30.18
C GLY A 514 -18.25 -14.74 28.87
N LYS A 515 -19.16 -13.77 28.90
CA LYS A 515 -19.47 -13.03 27.69
C LYS A 515 -18.33 -12.07 27.36
N MET A 516 -18.53 -11.24 26.35
CA MET A 516 -17.48 -10.42 25.75
C MET A 516 -17.58 -8.98 26.24
N VAL A 517 -16.46 -8.26 26.36
CA VAL A 517 -16.65 -6.88 26.82
C VAL A 517 -16.73 -5.84 25.72
N ASP A 518 -17.78 -5.02 25.75
CA ASP A 518 -17.90 -3.95 24.74
C ASP A 518 -16.57 -3.24 24.62
N THR A 519 -15.87 -3.45 23.51
CA THR A 519 -14.54 -2.86 23.32
C THR A 519 -14.56 -1.70 22.36
N LEU A 520 -13.83 -0.66 22.70
CA LEU A 520 -13.76 0.54 21.88
C LEU A 520 -12.36 1.11 21.92
N VAL A 521 -11.86 1.48 20.76
CA VAL A 521 -10.49 1.80 20.62
C VAL A 521 -10.51 3.04 19.80
N MET A 522 -9.88 4.10 20.30
CA MET A 522 -9.72 5.33 19.54
C MET A 522 -8.34 5.45 18.96
N SER A 523 -8.23 6.01 17.76
CA SER A 523 -6.93 6.24 17.16
C SER A 523 -6.79 7.63 16.50
N ALA A 524 -5.61 8.22 16.66
CA ALA A 524 -5.32 9.50 16.03
C ALA A 524 -4.86 9.42 14.56
N THR A 525 -4.41 8.26 14.10
CA THR A 525 -3.84 8.22 12.76
C THR A 525 -4.70 7.44 11.84
N PRO A 526 -5.50 8.16 11.07
CA PRO A 526 -6.44 7.55 10.13
C PRO A 526 -5.87 6.40 9.34
N ILE A 527 -6.76 5.83 8.56
CA ILE A 527 -6.43 4.74 7.69
C ILE A 527 -7.64 4.61 6.77
N PRO A 528 -7.38 4.56 5.48
CA PRO A 528 -8.46 4.61 4.50
C PRO A 528 -9.28 3.35 4.65
N ARG A 529 -10.54 3.35 4.22
CA ARG A 529 -11.43 2.19 4.46
C ARG A 529 -10.91 0.83 3.99
N SER A 530 -10.50 0.73 2.75
CA SER A 530 -9.91 -0.54 2.31
C SER A 530 -8.88 -1.03 3.32
N MET A 531 -7.91 -0.21 3.68
CA MET A 531 -6.87 -0.74 4.54
C MET A 531 -7.47 -1.06 5.88
N ALA A 532 -8.46 -0.29 6.25
CA ALA A 532 -9.16 -0.60 7.47
C ALA A 532 -9.64 -2.01 7.38
N LEU A 533 -10.53 -2.24 6.43
CA LEU A 533 -11.25 -3.51 6.21
C LEU A 533 -10.43 -4.67 5.74
N ALA A 534 -9.10 -4.56 5.77
CA ALA A 534 -8.24 -5.50 5.07
C ALA A 534 -7.08 -5.98 5.93
N PHE A 535 -6.61 -5.14 6.82
CA PHE A 535 -5.61 -5.57 7.75
C PHE A 535 -6.20 -5.61 9.11
N TYR A 536 -7.30 -4.90 9.31
CA TYR A 536 -7.99 -4.95 10.59
C TYR A 536 -9.41 -5.48 10.46
N GLY A 537 -10.18 -4.90 9.56
CA GLY A 537 -11.54 -5.35 9.34
C GLY A 537 -12.28 -5.81 10.57
N ASP A 538 -11.85 -6.95 11.13
CA ASP A 538 -12.33 -7.42 12.42
C ASP A 538 -12.83 -6.30 13.41
N LEU A 539 -12.44 -5.04 13.20
CA LEU A 539 -13.00 -4.00 14.02
C LEU A 539 -14.34 -3.48 13.45
N ASP A 540 -15.38 -4.27 13.69
CA ASP A 540 -16.69 -4.16 13.06
C ASP A 540 -16.86 -2.87 12.32
N VAL A 541 -16.33 -1.82 12.90
CA VAL A 541 -16.31 -0.62 12.12
C VAL A 541 -15.33 0.31 12.64
N THR A 542 -15.44 1.46 12.03
CA THR A 542 -14.65 2.57 12.38
C THR A 542 -15.55 3.71 12.03
N VAL A 543 -16.11 4.31 13.05
CA VAL A 543 -16.87 5.49 12.80
C VAL A 543 -15.87 6.60 12.72
N ILE A 544 -15.63 7.03 11.49
CA ILE A 544 -14.54 7.94 11.17
C ILE A 544 -15.07 9.34 11.27
N ASP A 545 -14.22 10.29 11.65
CA ASP A 545 -14.66 11.66 11.86
C ASP A 545 -14.45 12.70 10.72
N GLU A 546 -15.49 13.50 10.49
CA GLU A 546 -15.44 14.72 9.66
C GLU A 546 -15.61 16.09 10.39
N MET A 547 -14.63 16.98 10.34
CA MET A 547 -14.09 17.76 11.47
C MET A 547 -14.84 18.97 12.07
N PRO A 548 -14.48 19.33 13.30
CA PRO A 548 -15.04 20.46 14.07
C PRO A 548 -14.75 21.87 13.59
N PRO A 549 -15.73 22.76 13.81
CA PRO A 549 -15.66 24.18 13.45
C PRO A 549 -14.70 25.05 14.25
N GLY A 550 -14.85 26.35 13.99
CA GLY A 550 -14.04 27.38 14.63
C GLY A 550 -12.63 26.90 14.34
N ARG A 551 -12.56 25.74 13.71
CA ARG A 551 -11.24 25.28 13.73
C ARG A 551 -10.56 25.58 12.49
N LYS A 552 -9.59 26.36 12.84
CA LYS A 552 -8.65 26.92 11.96
C LYS A 552 -7.49 25.96 11.96
N GLU A 553 -6.70 26.02 10.90
CA GLU A 553 -5.62 25.07 10.78
C GLU A 553 -4.25 25.58 10.41
N VAL A 554 -3.28 24.78 10.76
CA VAL A 554 -1.92 25.07 10.51
C VAL A 554 -1.53 25.61 9.14
N GLN A 555 -1.10 26.86 9.06
CA GLN A 555 -0.49 27.38 7.83
C GLN A 555 0.79 26.56 7.69
N THR A 556 0.72 25.52 6.87
CA THR A 556 1.87 24.67 6.61
C THR A 556 2.72 25.32 5.52
N MET A 557 4.02 25.41 5.72
CA MET A 557 4.87 25.95 4.67
C MET A 557 6.02 25.01 4.42
N LEU A 558 6.56 25.06 3.21
CA LEU A 558 7.73 24.25 2.84
C LEU A 558 8.86 25.15 2.44
N VAL A 559 9.99 24.98 3.08
CA VAL A 559 11.10 25.90 2.92
C VAL A 559 12.35 25.17 2.47
N PRO A 560 13.03 25.74 1.48
CA PRO A 560 14.38 25.34 1.10
C PRO A 560 15.31 25.30 2.29
N MET A 561 16.43 24.63 2.13
CA MET A 561 17.43 24.73 3.16
C MET A 561 17.92 26.16 3.22
N ASP A 562 19.22 26.34 3.10
CA ASP A 562 19.86 27.65 3.19
C ASP A 562 19.05 28.57 4.06
N ARG A 563 17.88 28.94 3.55
CA ARG A 563 16.92 29.76 4.29
C ARG A 563 16.41 29.11 5.57
N VAL A 564 17.20 28.19 6.11
CA VAL A 564 16.78 27.44 7.29
C VAL A 564 16.93 28.32 8.48
N ASN A 565 17.96 29.17 8.46
CA ASN A 565 18.20 30.07 9.57
C ASN A 565 17.08 31.04 9.54
N GLU A 566 16.23 30.86 8.56
CA GLU A 566 15.10 31.75 8.44
C GLU A 566 14.11 31.35 9.50
N VAL A 567 13.62 30.13 9.37
CA VAL A 567 12.72 29.57 10.37
C VAL A 567 13.35 29.77 11.75
N TYR A 568 14.50 29.18 12.00
CA TYR A 568 15.21 29.42 13.26
C TYR A 568 14.82 30.77 13.91
N GLU A 569 14.95 31.83 13.15
CA GLU A 569 14.55 33.12 13.65
C GLU A 569 13.06 33.27 13.97
N PHE A 570 12.20 32.91 13.02
CA PHE A 570 10.74 32.97 13.20
C PHE A 570 10.25 32.50 14.57
N VAL A 571 11.00 31.55 15.12
CA VAL A 571 10.78 31.02 16.42
C VAL A 571 11.23 32.00 17.45
N ARG A 572 12.46 32.47 17.30
CA ARG A 572 12.99 33.41 18.25
C ARG A 572 11.85 34.28 18.58
N GLN A 573 11.10 34.64 17.53
CA GLN A 573 9.88 35.44 17.72
C GLN A 573 8.80 34.65 18.40
N GLU A 574 7.95 34.05 17.63
CA GLU A 574 6.87 33.34 18.24
C GLU A 574 7.23 32.84 19.63
N VAL A 575 8.47 32.45 19.83
CA VAL A 575 8.82 31.85 21.11
C VAL A 575 9.11 32.93 22.10
N MET A 576 9.47 34.08 21.58
CA MET A 576 9.75 35.22 22.40
C MET A 576 8.43 35.80 22.84
N ARG A 577 7.42 35.70 21.98
CA ARG A 577 6.07 36.16 22.29
C ARG A 577 5.34 35.11 23.17
N GLY A 578 6.09 34.12 23.67
CA GLY A 578 5.62 33.05 24.55
C GLY A 578 5.04 31.77 23.94
N GLY A 579 5.75 31.15 23.04
CA GLY A 579 5.21 29.97 22.43
C GLY A 579 6.36 29.00 22.34
N GLN A 580 6.13 27.78 21.85
CA GLN A 580 7.21 26.80 21.69
C GLN A 580 7.34 26.05 20.36
N ALA A 581 8.53 25.51 20.14
CA ALA A 581 8.87 25.05 18.84
C ALA A 581 9.55 23.72 18.91
N PHE A 582 9.00 22.71 18.23
CA PHE A 582 9.69 21.44 17.99
C PHE A 582 10.83 21.53 16.97
N ILE A 583 11.80 20.63 17.01
CA ILE A 583 12.72 20.55 15.89
C ILE A 583 13.16 19.11 15.62
N VAL A 584 12.75 18.54 14.51
CA VAL A 584 12.99 17.13 14.26
C VAL A 584 14.09 16.93 13.22
N TYR A 585 15.02 16.03 13.53
CA TYR A 585 16.19 15.77 12.70
C TYR A 585 16.31 14.25 12.75
N PRO A 586 15.96 13.57 11.66
CA PRO A 586 16.09 12.11 11.52
C PRO A 586 17.45 11.51 11.87
N LEU A 587 17.83 10.43 11.20
CA LEU A 587 19.12 9.82 11.48
C LEU A 587 20.13 10.00 10.36
N ILE A 588 21.40 10.17 10.72
CA ILE A 588 22.49 10.26 9.75
C ILE A 588 23.58 9.24 10.06
N LYS A 597 24.49 11.60 17.27
CA LYS A 597 25.72 12.29 17.63
C LYS A 597 25.74 13.67 17.00
N SER A 598 25.61 13.71 15.68
CA SER A 598 25.44 14.98 14.99
C SER A 598 24.39 15.67 15.82
N ALA A 599 23.51 14.86 16.40
CA ALA A 599 22.38 15.38 17.12
C ALA A 599 22.94 16.32 18.14
N VAL A 600 23.94 15.84 18.88
CA VAL A 600 24.51 16.63 19.95
C VAL A 600 25.22 17.84 19.30
N GLU A 601 25.86 17.56 18.19
CA GLU A 601 26.41 18.59 17.33
C GLU A 601 25.31 19.49 16.78
N MET A 602 24.13 18.89 16.56
CA MET A 602 22.94 19.58 16.07
C MET A 602 22.30 20.31 17.21
N TYR A 603 22.75 19.96 18.40
CA TYR A 603 22.17 20.44 19.61
C TYR A 603 22.84 21.73 20.11
N GLU A 604 24.13 21.70 20.44
CA GLU A 604 24.68 22.91 21.04
C GLU A 604 25.16 23.89 19.98
N TYR A 605 25.16 23.47 18.73
CA TYR A 605 25.32 24.44 17.66
C TYR A 605 23.97 25.12 17.62
N LEU A 606 22.96 24.35 18.00
CA LEU A 606 21.63 24.90 18.20
C LEU A 606 21.43 25.60 19.55
N SER A 607 22.39 25.56 20.43
CA SER A 607 22.47 26.58 21.46
C SER A 607 23.57 27.64 21.06
N LYS A 608 23.68 27.86 19.73
CA LYS A 608 23.74 29.21 19.19
C LYS A 608 22.33 29.81 18.90
N GLU A 609 21.30 29.09 19.31
CA GLU A 609 19.94 29.57 19.26
C GLU A 609 19.62 29.82 20.72
N VAL A 610 20.73 30.14 21.38
CA VAL A 610 20.89 30.41 22.80
C VAL A 610 19.71 30.87 23.53
N PHE A 611 18.76 31.43 22.80
CA PHE A 611 17.66 32.00 23.50
C PHE A 611 17.69 33.51 23.34
N LYS A 615 17.25 27.20 25.86
CA LYS A 615 15.96 26.66 26.28
C LYS A 615 15.61 25.37 25.54
N LEU A 616 16.56 24.44 25.56
CA LEU A 616 16.48 23.31 24.68
C LEU A 616 16.62 21.98 25.41
N GLY A 617 15.92 20.97 24.87
CA GLY A 617 15.87 19.62 25.41
C GLY A 617 15.94 18.59 24.29
N LEU A 618 16.27 17.33 24.60
CA LEU A 618 16.64 16.45 23.49
C LEU A 618 15.71 15.30 23.16
N MET A 619 15.73 14.25 23.94
CA MET A 619 14.93 13.12 23.54
C MET A 619 15.50 12.40 22.35
N HIS A 620 16.61 11.69 22.51
CA HIS A 620 17.17 10.86 21.42
C HIS A 620 16.14 9.91 20.81
N GLY A 621 15.30 9.32 21.64
CA GLY A 621 14.13 8.66 21.10
C GLY A 621 14.16 7.17 21.33
N ARG A 622 14.67 6.41 20.37
CA ARG A 622 14.67 4.98 20.57
C ARG A 622 15.83 4.67 21.51
N LEU A 623 15.49 4.82 22.77
CA LEU A 623 16.33 5.04 23.91
C LEU A 623 15.05 5.15 24.69
N SER A 624 14.18 4.25 24.30
CA SER A 624 12.76 4.49 24.28
C SER A 624 12.23 3.99 25.59
N GLN A 625 12.33 4.82 26.59
CA GLN A 625 11.63 4.56 27.81
C GLN A 625 10.38 5.24 27.38
N GLU A 626 9.21 4.74 27.75
CA GLU A 626 8.03 5.44 27.29
C GLU A 626 7.46 6.31 28.42
N GLU A 627 8.41 6.79 29.18
CA GLU A 627 8.26 8.02 29.82
C GLU A 627 9.18 8.82 28.89
N LYS A 628 8.60 9.04 27.73
CA LYS A 628 9.03 10.00 26.76
C LYS A 628 8.26 11.20 27.20
N ASP A 629 7.00 10.94 27.55
CA ASP A 629 6.09 11.98 28.02
C ASP A 629 6.71 12.57 29.24
N ARG A 630 7.31 11.71 30.05
CA ARG A 630 8.12 12.26 31.09
C ARG A 630 8.63 13.56 30.52
N VAL A 631 9.29 13.49 29.37
CA VAL A 631 9.92 14.68 28.82
C VAL A 631 8.93 15.71 28.28
N MET A 632 7.90 15.26 27.62
CA MET A 632 6.97 16.22 27.10
C MET A 632 6.27 16.96 28.22
N LEU A 633 5.67 16.23 29.14
CA LEU A 633 5.20 16.94 30.29
C LEU A 633 6.14 18.09 30.53
N GLU A 634 7.40 17.79 30.80
CA GLU A 634 8.38 18.84 31.09
C GLU A 634 8.50 19.86 29.96
N PHE A 635 8.23 19.47 28.74
CA PHE A 635 8.19 20.43 27.70
C PHE A 635 6.92 21.25 27.90
N ALA A 636 5.81 20.63 28.22
CA ALA A 636 4.55 21.36 28.24
C ALA A 636 4.25 22.18 29.49
N GLU A 637 5.24 22.68 30.14
CA GLU A 637 5.00 22.88 31.53
C GLU A 637 5.91 24.07 31.53
N GLY A 638 6.94 23.95 30.71
CA GLY A 638 7.66 25.06 30.16
C GLY A 638 9.05 24.89 30.65
N ARG A 639 9.73 23.79 30.34
CA ARG A 639 11.13 23.62 30.80
C ARG A 639 12.09 23.58 29.69
N TYR A 640 11.64 23.21 28.52
CA TYR A 640 12.51 23.19 27.36
C TYR A 640 11.81 24.05 26.38
N ASP A 641 11.95 25.36 26.51
CA ASP A 641 11.32 26.31 25.57
C ASP A 641 11.06 25.69 24.21
N ILE A 642 12.13 25.11 23.63
CA ILE A 642 12.04 24.36 22.39
C ILE A 642 12.55 22.93 22.58
N LEU A 643 12.22 22.02 21.67
CA LEU A 643 12.62 20.60 21.69
C LEU A 643 13.67 20.19 20.63
N VAL A 644 13.93 18.91 20.51
CA VAL A 644 14.86 18.39 19.53
C VAL A 644 14.58 16.91 19.34
N SER A 645 14.10 16.58 18.16
CA SER A 645 13.49 15.31 17.84
C SER A 645 14.35 14.07 17.75
N THR A 646 14.02 13.25 16.73
CA THR A 646 14.56 11.92 16.46
C THR A 646 13.72 10.93 17.21
N THR A 647 12.92 10.18 16.50
CA THR A 647 12.02 9.29 17.21
C THR A 647 10.62 9.80 17.04
N VAL A 648 10.35 10.33 15.86
CA VAL A 648 9.05 10.90 15.62
C VAL A 648 8.22 10.69 16.87
N ILE A 649 8.11 11.78 17.61
CA ILE A 649 7.16 11.93 18.68
C ILE A 649 5.73 11.55 18.37
N GLU A 650 5.04 11.01 19.37
CA GLU A 650 3.73 10.36 19.22
C GLU A 650 2.53 11.21 19.69
N VAL A 651 1.31 10.69 19.59
CA VAL A 651 0.06 11.48 19.51
C VAL A 651 -0.52 11.74 20.85
N GLY A 652 0.29 12.27 21.73
CA GLY A 652 0.20 11.96 23.15
C GLY A 652 -0.06 13.17 24.02
N ILE A 653 0.83 13.43 24.98
CA ILE A 653 0.69 14.59 25.82
C ILE A 653 1.13 15.77 25.01
N ASP A 654 0.50 16.91 25.24
CA ASP A 654 0.20 17.82 24.13
C ASP A 654 0.75 19.09 24.62
N VAL A 655 1.72 19.66 23.97
CA VAL A 655 2.26 20.76 24.67
C VAL A 655 1.48 21.92 24.20
N PRO A 656 0.77 22.62 25.09
CA PRO A 656 -0.16 23.65 24.67
C PRO A 656 0.52 24.77 23.96
N ARG A 657 1.48 25.39 24.62
CA ARG A 657 1.97 26.60 24.06
C ARG A 657 2.59 26.43 22.67
N ALA A 658 2.83 25.19 22.26
CA ALA A 658 3.61 24.91 21.07
C ALA A 658 3.00 25.46 19.81
N ASN A 659 3.48 26.63 19.40
CA ASN A 659 2.96 27.39 18.26
C ASN A 659 3.49 26.89 16.94
N VAL A 660 4.78 26.58 16.90
CA VAL A 660 5.40 26.25 15.63
C VAL A 660 6.09 24.90 15.67
N MET A 661 6.19 24.23 14.51
CA MET A 661 6.88 22.92 14.27
C MET A 661 7.91 22.90 13.08
N VAL A 662 8.93 22.07 13.15
CA VAL A 662 10.00 22.12 12.17
C VAL A 662 10.62 20.77 11.86
N ILE A 663 10.13 20.12 10.81
CA ILE A 663 10.67 18.86 10.37
C ILE A 663 11.75 19.17 9.38
N GLU A 664 12.86 18.46 9.44
CA GLU A 664 13.95 18.75 8.56
C GLU A 664 14.27 17.54 7.72
N ASN A 665 15.14 17.72 6.75
CA ASN A 665 15.38 16.73 5.70
C ASN A 665 14.36 15.58 5.68
N PRO A 666 13.08 15.93 5.55
CA PRO A 666 11.96 14.99 5.54
C PRO A 666 11.77 14.01 4.37
N GLU A 667 10.53 13.54 4.30
CA GLU A 667 10.02 12.50 3.40
C GLU A 667 10.66 11.17 3.65
N ARG A 668 11.79 11.19 4.31
CA ARG A 668 12.23 9.95 4.87
C ARG A 668 11.04 9.59 5.75
N PHE A 669 10.30 10.61 6.17
CA PHE A 669 9.14 10.35 7.00
C PHE A 669 8.00 10.03 6.13
N GLY A 670 7.17 9.11 6.58
CA GLY A 670 6.15 8.66 5.68
C GLY A 670 5.34 9.91 5.53
N LEU A 671 4.35 9.87 4.67
CA LEU A 671 3.47 10.97 4.59
C LEU A 671 2.48 10.49 5.61
N ALA A 672 2.69 10.87 6.88
CA ALA A 672 1.86 10.43 8.02
C ALA A 672 2.59 10.74 9.35
N GLN A 673 3.77 10.19 9.54
CA GLN A 673 4.65 10.72 10.59
C GLN A 673 4.76 12.23 10.52
N LEU A 674 4.91 12.76 9.31
CA LEU A 674 4.87 14.19 9.14
C LEU A 674 3.56 14.66 9.67
N HIS A 675 2.50 13.98 9.32
CA HIS A 675 1.24 14.43 9.87
C HIS A 675 1.26 14.40 11.37
N GLN A 676 1.44 13.20 11.89
CA GLN A 676 1.72 13.12 13.28
C GLN A 676 2.23 14.48 13.64
N LEU A 677 3.51 14.73 13.37
CA LEU A 677 4.21 15.99 13.62
C LEU A 677 3.41 17.28 13.44
N ARG A 678 2.73 17.46 12.32
CA ARG A 678 1.94 18.65 12.12
C ARG A 678 0.91 18.68 13.20
N GLY A 679 0.24 17.56 13.44
CA GLY A 679 -0.74 17.47 14.50
C GLY A 679 -0.25 18.04 15.81
N ARG A 680 0.91 17.60 16.21
CA ARG A 680 1.45 17.98 17.49
C ARG A 680 1.60 19.50 17.78
N VAL A 681 1.11 20.38 16.94
CA VAL A 681 1.43 21.79 17.12
C VAL A 681 0.42 22.77 16.56
N GLY A 682 -0.28 23.48 17.42
CA GLY A 682 -1.55 24.07 17.10
C GLY A 682 -2.44 24.28 18.33
N ARG A 683 -3.04 23.22 18.85
CA ARG A 683 -3.79 23.32 20.07
C ARG A 683 -3.84 24.73 20.66
N GLY A 684 -4.99 25.08 21.21
CA GLY A 684 -5.26 26.44 21.64
C GLY A 684 -6.29 26.92 20.65
N GLY A 685 -6.04 28.07 20.06
CA GLY A 685 -6.25 28.24 18.63
C GLY A 685 -4.82 28.34 18.13
N GLN A 686 -4.07 29.19 18.80
CA GLN A 686 -2.67 29.19 18.67
C GLN A 686 -2.30 29.44 17.18
N GLU A 687 -3.24 29.29 16.28
CA GLU A 687 -2.91 29.25 14.87
C GLU A 687 -1.49 28.87 14.63
N ALA A 688 -1.13 27.68 15.05
CA ALA A 688 0.25 27.27 14.99
C ALA A 688 0.79 27.24 13.57
N TYR A 689 2.07 26.89 13.43
CA TYR A 689 2.74 26.84 12.15
C TYR A 689 3.82 25.76 12.08
N CYS A 690 4.02 25.12 10.93
CA CYS A 690 5.10 24.13 10.75
C CYS A 690 5.86 24.10 9.41
N PHE A 691 7.14 24.36 9.48
CA PHE A 691 7.98 24.51 8.32
C PHE A 691 8.55 23.19 8.08
N LEU A 692 9.16 23.01 6.92
CA LEU A 692 9.94 21.82 6.69
C LEU A 692 11.11 22.05 5.79
N VAL A 693 12.25 22.43 6.36
CA VAL A 693 13.52 22.40 5.66
C VAL A 693 13.70 21.24 4.67
N VAL A 694 14.15 21.53 3.45
CA VAL A 694 14.41 20.48 2.47
C VAL A 694 15.84 20.54 2.00
N GLY A 695 16.31 19.48 1.34
CA GLY A 695 17.69 19.42 0.83
C GLY A 695 17.93 19.63 -0.67
N ASP A 696 17.53 18.64 -1.48
CA ASP A 696 17.63 18.70 -2.94
C ASP A 696 16.51 17.82 -3.49
N VAL A 697 16.73 16.50 -3.46
CA VAL A 697 15.70 15.56 -3.87
C VAL A 697 14.80 16.21 -4.90
N GLY A 698 13.67 15.60 -5.23
CA GLY A 698 12.88 16.25 -6.25
C GLY A 698 11.44 15.89 -6.42
N GLU A 699 11.01 16.07 -7.67
CA GLU A 699 9.62 15.92 -8.05
C GLU A 699 8.82 14.87 -7.25
N GLU A 700 8.95 13.60 -7.62
CA GLU A 700 8.20 12.59 -6.89
C GLU A 700 8.29 12.85 -5.40
N ALA A 701 9.49 13.16 -4.92
CA ALA A 701 9.65 13.54 -3.53
C ALA A 701 8.80 14.76 -3.28
N MET A 702 9.27 15.92 -3.73
CA MET A 702 8.49 17.14 -3.52
C MET A 702 7.11 17.10 -4.16
N GLU A 703 6.92 16.30 -5.21
CA GLU A 703 5.58 16.15 -5.75
C GLU A 703 4.71 15.86 -4.57
N ARG A 704 5.25 15.07 -3.64
CA ARG A 704 4.45 14.63 -2.50
C ARG A 704 4.24 15.74 -1.44
N LEU A 705 5.34 16.20 -0.88
CA LEU A 705 5.35 17.35 0.03
C LEU A 705 4.37 18.43 -0.39
N ARG A 706 4.54 18.89 -1.63
CA ARG A 706 3.68 19.89 -2.21
C ARG A 706 2.27 19.44 -1.94
N PHE A 707 2.08 18.15 -1.99
CA PHE A 707 0.71 17.70 -1.93
C PHE A 707 0.28 17.73 -0.48
N PHE A 708 1.19 17.29 0.38
CA PHE A 708 0.96 17.29 1.81
C PHE A 708 0.39 18.64 2.21
N THR A 709 1.21 19.67 1.99
CA THR A 709 0.98 21.04 2.44
C THR A 709 -0.40 21.58 2.11
N LEU A 710 -0.96 21.15 1.01
CA LEU A 710 -2.27 21.63 0.71
C LEU A 710 -3.30 20.56 1.01
N ASN A 711 -3.01 19.62 1.89
CA ASN A 711 -3.99 18.59 2.16
C ASN A 711 -4.63 18.65 3.54
N THR A 712 -5.60 19.56 3.51
CA THR A 712 -6.41 19.99 4.62
C THR A 712 -6.87 18.85 5.50
N ASP A 713 -6.64 17.63 5.02
CA ASP A 713 -7.41 16.48 5.42
C ASP A 713 -6.51 15.30 5.44
N GLY A 714 -6.50 14.56 6.53
CA GLY A 714 -5.54 13.48 6.64
C GLY A 714 -5.97 12.09 6.23
N PHE A 715 -7.15 11.94 5.64
CA PHE A 715 -7.52 10.66 5.04
C PHE A 715 -7.11 10.66 3.55
N LYS A 716 -7.43 11.75 2.87
CA LYS A 716 -7.06 11.91 1.48
C LYS A 716 -5.53 11.90 1.41
N ILE A 717 -4.94 12.02 2.59
CA ILE A 717 -3.58 11.67 2.83
C ILE A 717 -3.31 10.21 2.64
N ALA A 718 -4.02 9.39 3.39
CA ALA A 718 -3.82 7.97 3.21
C ALA A 718 -4.24 7.60 1.77
N GLU A 719 -5.40 8.04 1.35
CA GLU A 719 -5.67 7.75 0.01
C GLU A 719 -4.25 7.92 -0.58
N TYR A 720 -3.67 9.08 -0.37
CA TYR A 720 -2.53 9.47 -1.19
C TYR A 720 -1.30 8.70 -0.78
N ASP A 721 -1.20 8.26 0.46
CA ASP A 721 0.01 7.54 0.82
C ASP A 721 0.00 6.17 0.12
N LEU A 722 -1.16 5.52 0.07
CA LEU A 722 -1.36 4.26 -0.65
C LEU A 722 -0.97 4.38 -2.13
N LYS A 723 -1.70 5.21 -2.86
CA LYS A 723 -1.50 5.36 -4.30
C LYS A 723 -0.05 5.56 -4.60
N THR A 724 0.62 6.38 -3.83
CA THR A 724 2.03 6.40 -4.02
C THR A 724 2.72 5.26 -3.27
N ARG A 725 3.30 5.47 -2.10
CA ARG A 725 4.13 4.40 -1.54
C ARG A 725 3.27 3.33 -0.86
N GLY A 726 3.50 2.08 -1.24
CA GLY A 726 2.75 0.98 -0.67
C GLY A 726 2.92 0.93 0.82
N PRO A 727 2.00 0.21 1.48
CA PRO A 727 1.84 0.40 2.94
C PRO A 727 3.12 0.28 3.79
N GLY A 728 3.89 1.37 3.90
CA GLY A 728 4.98 1.44 4.86
C GLY A 728 4.55 1.25 6.31
N GLU A 729 3.52 2.02 6.71
CA GLU A 729 2.84 1.75 7.97
C GLU A 729 2.70 0.25 8.18
N LYS A 734 4.48 -9.61 7.64
CA LYS A 734 5.54 -8.75 7.11
C LYS A 734 5.54 -8.71 5.56
N GLN A 735 5.09 -7.56 5.03
CA GLN A 735 5.18 -7.15 3.61
C GLN A 735 4.27 -7.89 2.60
N HIS A 736 3.22 -7.19 2.12
CA HIS A 736 2.25 -7.67 1.10
C HIS A 736 2.88 -7.94 -0.26
N GLY A 737 2.82 -9.16 -0.76
CA GLY A 737 3.38 -9.45 -2.05
C GLY A 737 2.63 -8.81 -3.21
N LEU A 738 1.32 -8.60 -3.10
CA LEU A 738 0.58 -8.29 -4.31
C LEU A 738 -0.62 -7.39 -4.54
N SER A 739 -1.25 -6.62 -3.63
CA SER A 739 -2.47 -5.94 -4.16
C SER A 739 -2.72 -4.40 -4.18
N GLY A 740 -2.45 -3.76 -5.30
CA GLY A 740 -2.31 -2.33 -5.36
C GLY A 740 -3.65 -1.74 -5.73
N PHE A 741 -4.53 -1.68 -4.73
CA PHE A 741 -5.94 -1.21 -4.81
C PHE A 741 -6.74 -1.17 -6.07
N LYS A 742 -7.26 -2.36 -6.24
CA LYS A 742 -8.45 -2.82 -6.86
C LYS A 742 -9.02 -3.43 -5.60
N VAL A 743 -10.34 -3.49 -5.44
CA VAL A 743 -10.93 -3.93 -4.19
C VAL A 743 -11.99 -5.02 -4.38
N ALA A 744 -12.55 -5.14 -5.56
CA ALA A 744 -13.47 -6.25 -5.76
C ALA A 744 -12.95 -7.49 -5.05
N ASP A 745 -11.68 -7.47 -4.68
CA ASP A 745 -11.14 -8.63 -4.04
C ASP A 745 -11.59 -8.57 -2.61
N LEU A 746 -11.43 -7.40 -2.02
CA LEU A 746 -11.67 -7.29 -0.60
C LEU A 746 -13.13 -7.56 -0.35
N TYR A 747 -13.96 -7.54 -1.39
CA TYR A 747 -15.31 -8.00 -1.19
C TYR A 747 -15.38 -9.46 -1.59
N ARG A 748 -14.75 -9.79 -2.72
CA ARG A 748 -14.72 -11.17 -3.15
C ARG A 748 -14.44 -11.95 -1.88
N ASP A 749 -13.73 -11.29 -0.98
CA ASP A 749 -13.42 -11.85 0.30
C ASP A 749 -14.64 -12.13 1.13
N LEU A 750 -15.17 -11.06 1.68
CA LEU A 750 -16.22 -11.19 2.66
C LEU A 750 -17.03 -12.45 2.32
N LYS A 751 -17.52 -12.51 1.09
CA LYS A 751 -18.49 -13.52 0.67
C LYS A 751 -18.01 -14.99 0.73
N LEU A 752 -16.83 -15.27 0.17
CA LEU A 752 -16.32 -16.64 0.03
C LEU A 752 -15.63 -16.87 1.34
N LEU A 753 -15.47 -15.76 1.97
CA LEU A 753 -14.44 -15.72 2.98
C LEU A 753 -14.99 -16.02 4.42
N GLU A 754 -16.06 -16.83 4.50
CA GLU A 754 -16.60 -17.12 5.83
C GLU A 754 -15.80 -18.38 6.16
N TRP A 755 -15.95 -19.38 5.30
CA TRP A 755 -15.28 -20.66 5.53
C TRP A 755 -14.44 -21.08 4.30
PB ADP E . -9.64 14.75 20.02
O1B ADP E . -8.40 15.67 20.13
O2B ADP E . -10.19 14.77 18.61
O3B ADP E . -9.19 13.39 20.36
PA ADP E . -11.16 16.62 21.60
O1A ADP E . -12.63 16.76 21.73
O2A ADP E . -10.41 16.85 22.95
O3A ADP E . -10.87 15.16 20.97
O5' ADP E . -10.64 17.74 20.64
C5' ADP E . -11.55 18.73 20.26
C4' ADP E . -11.34 20.07 20.95
O4' ADP E . -12.44 20.86 20.58
C3' ADP E . -11.56 19.95 22.43
O3' ADP E . -11.29 21.21 22.95
C2' ADP E . -13.03 19.72 22.55
O2' ADP E . -13.43 20.13 23.81
C1' ADP E . -13.53 20.69 21.50
N9 ADP E . -14.73 20.20 20.80
C8 ADP E . -15.27 18.95 20.83
N7 ADP E . -16.37 18.94 20.06
C5 ADP E . -16.55 20.16 19.55
C6 ADP E . -17.51 20.67 18.70
N6 ADP E . -18.53 19.92 18.33
N1 ADP E . -17.42 21.99 18.33
C2 ADP E . -16.41 22.77 18.80
N3 ADP E . -15.45 22.25 19.64
C4 ADP E . -15.53 20.97 20.01
MG MG F . -8.40 11.39 22.65
#